data_9JTD
#
_entry.id   9JTD
#
_cell.length_a   193.952
_cell.length_b   193.952
_cell.length_c   151.024
_cell.angle_alpha   90.00
_cell.angle_beta   90.00
_cell.angle_gamma   90.00
#
_symmetry.space_group_name_H-M   'I 41 2 2'
#
loop_
_entity.id
_entity.type
_entity.pdbx_description
1 polymer 'Angiotensin-converting enzyme'
2 polymer 'Spike glycoprotein'
3 branched beta-D-mannopyranose-(1-4)-2-acetamido-2-deoxy-beta-D-glucopyranose-(1-4)-2-acetamido-2-deoxy-beta-D-glucopyranose
4 non-polymer 2-acetamido-2-deoxy-beta-D-glucopyranose
#
loop_
_entity_poly.entity_id
_entity_poly.type
_entity_poly.pdbx_seq_one_letter_code
_entity_poly.pdbx_strand_id
1 'polypeptide(L)'
;PSTEDLVNTFLEKFNYEAEELSYQSSLASWDYNTNISDENVQKMNNAGAKWSAFYEEQSKLAKTYPLEEIQDSTVKRQLR
ALQHSGSSVLSADKNQRLNTILNSMSTIYSTGKACNPSNPQECLLLEPGLDDIMENSKDYNERLWAWEGWRSEVGKQLRP
LYEEYVALKNEMARANNYEDYGDYWRGDYEEEWENGYNYSRNQLIDDVEHTFTQIMPLYQHLHAYVRTKLMDTYPSYISP
TGCLPAHLLGDMWGRFWTNLYPLTVPFGQKPNIDVTNAMVNQSWDARRIFKEAEKFFVSVGLPNMTQGFWENSMLTEPSD
SRKVVCHPTAWDLGKGDFRIKMCTKVTMDDFLTAHHEMGHIQYDMAYAAQPFLLRNGANEGFHEAVGEIMSLSAATPNHL
KNIGLLPPSFFEDSETEINFLLKQALTIVGTLPFTYMLEKWRWMVFKGEIPKDQWMKTWWEMKRNIVGVVEPVPHDETYC
DPASLFHVANDYSFIRYYTRTIYQFQFQEALCQIAKHEGPLHKCDISNSSEAGQKLLEMLKLGKSKPWTYALEIVVGAKN
MDVRPLLNYFEPLFTWLKEQNRNSFVGWNTDW
;
A
2 'polypeptide(L)'
;TNLCTFGEVFNATTFASVYAWNRKRISNCVADYSVLYNSTSFSTFKCYGVSPTKLNDLCFTNVYADSFVVRGDEVRQIAP
GQTGRIADYNYKLPDDFTGCVIAWNSNNLDSKVGGNYNYLYRLFRKSNLKPFERDISTEIYQAGSTPCNGVEGFNCYFPL
QSYGFHPTNGVGYQPYRVVVLSFELLNAPATVCG
;
E
#
# COMPACT_ATOMS: atom_id res chain seq x y z
N PRO A 1 -29.36 -12.47 -19.20
CA PRO A 1 -28.26 -12.16 -18.27
C PRO A 1 -28.61 -10.98 -17.36
N SER A 2 -28.84 -11.26 -16.08
CA SER A 2 -29.11 -10.20 -15.12
C SER A 2 -28.03 -9.14 -15.20
N THR A 3 -28.43 -7.88 -14.97
CA THR A 3 -27.50 -6.78 -15.07
C THR A 3 -26.23 -7.02 -14.25
N GLU A 4 -26.34 -7.77 -13.15
CA GLU A 4 -25.18 -8.09 -12.35
C GLU A 4 -24.22 -9.04 -13.05
N ASP A 5 -24.75 -10.00 -13.82
CA ASP A 5 -23.86 -10.90 -14.56
C ASP A 5 -23.07 -10.13 -15.61
N LEU A 6 -23.77 -9.28 -16.35
CA LEU A 6 -23.11 -8.35 -17.27
C LEU A 6 -22.06 -7.52 -16.55
N VAL A 7 -22.37 -7.12 -15.31
CA VAL A 7 -21.41 -6.37 -14.49
C VAL A 7 -20.17 -7.20 -14.20
N ASN A 8 -20.37 -8.42 -13.70
CA ASN A 8 -19.25 -9.34 -13.49
C ASN A 8 -18.37 -9.42 -14.72
N THR A 9 -18.99 -9.57 -15.89
CA THR A 9 -18.20 -9.61 -17.10
C THR A 9 -17.42 -8.33 -17.31
N PHE A 10 -18.05 -7.18 -17.04
CA PHE A 10 -17.37 -5.89 -17.14
C PHE A 10 -16.15 -5.83 -16.24
N LEU A 11 -16.34 -6.06 -14.95
CA LEU A 11 -15.24 -5.98 -13.99
C LEU A 11 -14.15 -6.99 -14.32
N GLU A 12 -14.54 -8.25 -14.54
CA GLU A 12 -13.59 -9.27 -14.93
C GLU A 12 -12.76 -8.84 -16.14
N LYS A 13 -13.33 -7.94 -16.93
CA LYS A 13 -12.53 -7.38 -18.05
C LYS A 13 -11.66 -6.25 -17.47
N PHE A 14 -12.28 -5.35 -16.72
CA PHE A 14 -11.51 -4.19 -16.19
C PHE A 14 -10.27 -4.73 -15.51
N ASN A 15 -10.46 -5.50 -14.45
CA ASN A 15 -9.31 -5.99 -13.65
C ASN A 15 -8.28 -6.70 -14.54
N TYR A 16 -8.71 -7.38 -15.59
CA TYR A 16 -7.79 -8.16 -16.46
C TYR A 16 -6.91 -7.23 -17.29
N GLU A 17 -7.46 -6.11 -17.75
CA GLU A 17 -6.67 -5.13 -18.54
C GLU A 17 -5.94 -4.21 -17.57
N ALA A 18 -6.63 -3.86 -16.49
CA ALA A 18 -6.05 -2.92 -15.51
C ALA A 18 -4.81 -3.54 -14.90
N GLU A 19 -4.96 -4.71 -14.26
CA GLU A 19 -3.79 -5.41 -13.68
C GLU A 19 -2.62 -5.19 -14.62
N GLU A 20 -2.84 -5.44 -15.91
CA GLU A 20 -1.75 -5.32 -16.89
C GLU A 20 -1.29 -3.87 -16.95
N LEU A 21 -2.13 -2.97 -17.45
CA LEU A 21 -1.68 -1.59 -17.66
C LEU A 21 -0.97 -1.03 -16.43
N SER A 22 -1.47 -1.36 -15.23
CA SER A 22 -0.86 -0.87 -14.01
C SER A 22 0.51 -1.47 -13.80
N TYR A 23 0.71 -2.73 -14.21
CA TYR A 23 2.04 -3.32 -14.14
C TYR A 23 3.00 -2.61 -15.09
N GLN A 24 2.52 -2.30 -16.30
CA GLN A 24 3.38 -1.58 -17.25
C GLN A 24 3.76 -0.21 -16.71
N SER A 25 2.77 0.53 -16.19
CA SER A 25 3.01 1.80 -15.53
C SER A 25 4.02 1.67 -14.40
N SER A 26 3.85 0.64 -13.56
CA SER A 26 4.70 0.49 -12.38
C SER A 26 6.12 0.18 -12.77
N LEU A 27 6.30 -0.62 -13.82
CA LEU A 27 7.64 -0.91 -14.31
C LEU A 27 8.31 0.35 -14.85
N ALA A 28 7.57 1.16 -15.62
CA ALA A 28 8.12 2.43 -16.08
C ALA A 28 8.49 3.33 -14.90
N SER A 29 7.69 3.28 -13.84
CA SER A 29 7.98 4.13 -12.69
C SER A 29 9.19 3.64 -11.91
N TRP A 30 9.38 2.31 -11.85
CA TRP A 30 10.64 1.79 -11.32
C TRP A 30 11.81 2.31 -12.13
N ASP A 31 11.68 2.28 -13.46
CA ASP A 31 12.73 2.82 -14.32
C ASP A 31 13.06 4.27 -13.98
N TYR A 32 12.04 5.13 -13.93
CA TYR A 32 12.33 6.54 -13.66
C TYR A 32 12.84 6.73 -12.23
N ASN A 33 12.04 6.35 -11.23
CA ASN A 33 12.42 6.50 -9.84
C ASN A 33 13.79 5.93 -9.51
N THR A 34 14.28 4.98 -10.33
CA THR A 34 15.66 4.49 -10.20
C THR A 34 16.62 5.17 -11.16
N ASN A 35 16.54 4.79 -12.45
CA ASN A 35 17.44 5.38 -13.47
C ASN A 35 16.88 6.73 -13.86
N ILE A 36 16.98 7.71 -12.95
CA ILE A 36 16.53 9.06 -13.39
C ILE A 36 17.15 9.26 -14.77
N SER A 37 16.31 9.53 -15.77
CA SER A 37 16.76 9.74 -17.16
C SER A 37 15.62 10.44 -17.91
N ASP A 38 15.86 11.62 -18.48
CA ASP A 38 14.76 12.31 -19.17
C ASP A 38 13.92 11.26 -19.87
N GLU A 39 14.54 10.47 -20.76
CA GLU A 39 13.81 9.43 -21.50
C GLU A 39 12.88 8.73 -20.51
N ASN A 40 13.44 8.13 -19.47
CA ASN A 40 12.60 7.37 -18.54
C ASN A 40 11.52 8.25 -17.92
N VAL A 41 11.81 9.53 -17.69
CA VAL A 41 10.78 10.45 -17.22
C VAL A 41 9.63 10.52 -18.22
N GLN A 42 9.98 10.71 -19.50
CA GLN A 42 8.96 10.80 -20.55
C GLN A 42 8.13 9.53 -20.61
N LYS A 43 8.80 8.37 -20.56
CA LYS A 43 8.09 7.09 -20.60
C LYS A 43 7.15 6.92 -19.41
N MET A 44 7.61 7.30 -18.21
CA MET A 44 6.74 7.34 -17.04
C MET A 44 5.48 8.14 -17.31
N ASN A 45 5.64 9.35 -17.83
CA ASN A 45 4.48 10.19 -18.14
C ASN A 45 3.54 9.47 -19.11
N ASN A 46 4.09 8.90 -20.17
CA ASN A 46 3.26 8.19 -21.15
C ASN A 46 2.42 7.09 -20.50
N ALA A 47 3.08 6.21 -19.74
CA ALA A 47 2.38 5.06 -19.18
C ALA A 47 1.35 5.49 -18.13
N GLY A 48 1.72 6.44 -17.26
CA GLY A 48 0.78 6.93 -16.27
C GLY A 48 -0.43 7.61 -16.89
N ALA A 49 -0.22 8.34 -18.00
CA ALA A 49 -1.32 8.97 -18.70
C ALA A 49 -2.24 7.93 -19.32
N LYS A 50 -1.68 6.86 -19.89
CA LYS A 50 -2.54 5.79 -20.40
C LYS A 50 -3.36 5.17 -19.28
N TRP A 51 -2.76 4.98 -18.09
CA TRP A 51 -3.52 4.48 -16.95
C TRP A 51 -4.67 5.41 -16.60
N SER A 52 -4.38 6.72 -16.56
CA SER A 52 -5.41 7.71 -16.29
C SER A 52 -6.59 7.58 -17.26
N ALA A 53 -6.28 7.53 -18.56
CA ALA A 53 -7.32 7.45 -19.57
C ALA A 53 -8.15 6.19 -19.43
N PHE A 54 -7.48 5.05 -19.25
CA PHE A 54 -8.20 3.79 -19.09
C PHE A 54 -9.16 3.85 -17.91
N TYR A 55 -8.66 4.30 -16.75
CA TYR A 55 -9.52 4.36 -15.57
C TYR A 55 -10.71 5.27 -15.81
N GLU A 56 -10.50 6.41 -16.46
CA GLU A 56 -11.58 7.36 -16.69
C GLU A 56 -12.68 6.74 -17.55
N GLU A 57 -12.28 6.18 -18.70
CA GLU A 57 -13.27 5.60 -19.61
C GLU A 57 -14.01 4.44 -18.96
N GLN A 58 -13.26 3.55 -18.29
CA GLN A 58 -13.91 2.42 -17.62
C GLN A 58 -14.84 2.89 -16.51
N SER A 59 -14.53 4.05 -15.90
CA SER A 59 -15.42 4.59 -14.87
C SER A 59 -16.75 5.03 -15.47
N LYS A 60 -16.71 5.74 -16.60
CA LYS A 60 -17.96 6.07 -17.29
C LYS A 60 -18.77 4.81 -17.59
N LEU A 61 -18.12 3.82 -18.21
CA LEU A 61 -18.82 2.58 -18.54
C LEU A 61 -19.41 1.93 -17.30
N ALA A 62 -18.69 1.97 -16.18
CA ALA A 62 -19.22 1.42 -14.94
C ALA A 62 -20.44 2.18 -14.48
N LYS A 63 -20.46 3.50 -14.66
CA LYS A 63 -21.66 4.27 -14.36
C LYS A 63 -22.85 3.77 -15.18
N THR A 64 -22.60 3.37 -16.43
CA THR A 64 -23.69 2.79 -17.21
C THR A 64 -24.27 1.52 -16.62
N TYR A 65 -23.65 0.94 -15.55
CA TYR A 65 -24.21 -0.16 -14.76
C TYR A 65 -24.72 0.36 -13.43
N PRO A 66 -25.91 -0.06 -13.00
CA PRO A 66 -26.48 0.52 -11.77
C PRO A 66 -26.14 -0.23 -10.49
N LEU A 67 -25.46 0.47 -9.57
CA LEU A 67 -25.05 -0.15 -8.30
C LEU A 67 -26.25 -0.72 -7.55
N GLU A 68 -27.38 -0.03 -7.57
CA GLU A 68 -28.57 -0.43 -6.82
C GLU A 68 -29.01 -1.86 -7.14
N GLU A 69 -28.55 -2.42 -8.26
CA GLU A 69 -28.98 -3.73 -8.71
C GLU A 69 -27.84 -4.76 -8.69
N ILE A 70 -26.87 -4.61 -7.79
CA ILE A 70 -25.75 -5.54 -7.64
C ILE A 70 -25.92 -6.30 -6.33
N GLN A 71 -25.72 -7.62 -6.39
CA GLN A 71 -25.97 -8.42 -5.20
C GLN A 71 -24.73 -8.49 -4.31
N ASP A 72 -23.74 -9.23 -4.76
CA ASP A 72 -22.55 -9.54 -3.99
C ASP A 72 -21.85 -8.24 -3.64
N SER A 73 -21.80 -7.94 -2.34
CA SER A 73 -21.19 -6.73 -1.83
C SER A 73 -19.80 -6.53 -2.41
N THR A 74 -19.09 -7.63 -2.66
CA THR A 74 -17.77 -7.53 -3.28
C THR A 74 -17.86 -6.86 -4.64
N VAL A 75 -18.73 -7.39 -5.51
CA VAL A 75 -18.95 -6.80 -6.83
C VAL A 75 -19.41 -5.36 -6.70
N LYS A 76 -20.34 -5.12 -5.78
CA LYS A 76 -20.88 -3.77 -5.59
C LYS A 76 -19.80 -2.79 -5.19
N ARG A 77 -18.86 -3.21 -4.33
CA ARG A 77 -17.80 -2.34 -3.86
C ARG A 77 -16.83 -2.01 -4.96
N GLN A 78 -16.41 -3.04 -5.73
CA GLN A 78 -15.53 -2.79 -6.86
C GLN A 78 -16.18 -1.80 -7.83
N LEU A 79 -17.44 -2.02 -8.18
CA LEU A 79 -18.15 -1.10 -9.06
C LEU A 79 -18.18 0.31 -8.47
N ARG A 80 -18.65 0.43 -7.22
CA ARG A 80 -18.75 1.72 -6.55
C ARG A 80 -17.45 2.49 -6.62
N ALA A 81 -16.34 1.82 -6.29
CA ALA A 81 -15.03 2.47 -6.36
C ALA A 81 -14.74 2.92 -7.78
N LEU A 82 -14.98 2.04 -8.76
CA LEU A 82 -14.73 2.43 -10.15
C LEU A 82 -15.72 3.50 -10.62
N GLN A 83 -16.95 3.49 -10.12
CA GLN A 83 -17.96 4.47 -10.53
C GLN A 83 -17.67 5.87 -10.00
N HIS A 84 -16.83 6.01 -8.97
CA HIS A 84 -16.49 7.29 -8.38
C HIS A 84 -15.48 7.99 -9.30
N SER A 85 -16.00 8.58 -10.37
CA SER A 85 -15.14 9.24 -11.34
C SER A 85 -14.51 10.49 -10.75
N GLY A 86 -15.32 11.33 -10.10
CA GLY A 86 -14.81 12.55 -9.51
C GLY A 86 -14.76 13.70 -10.50
N SER A 87 -13.54 14.15 -10.82
CA SER A 87 -13.35 15.34 -11.65
C SER A 87 -14.04 15.23 -13.02
N SER A 88 -14.42 14.03 -13.45
CA SER A 88 -15.02 13.86 -14.77
C SER A 88 -16.26 14.71 -14.94
N VAL A 89 -17.12 14.77 -13.92
CA VAL A 89 -18.44 15.36 -14.07
C VAL A 89 -18.32 16.86 -14.38
N LEU A 90 -17.33 17.52 -13.78
CA LEU A 90 -17.14 18.95 -14.03
C LEU A 90 -16.72 19.16 -15.48
N SER A 91 -17.15 20.29 -16.04
CA SER A 91 -16.81 20.62 -17.41
C SER A 91 -15.31 20.62 -17.60
N ALA A 92 -14.86 20.17 -18.77
CA ALA A 92 -13.43 20.16 -19.07
C ALA A 92 -12.81 21.53 -18.85
N ASP A 93 -13.60 22.59 -19.03
CA ASP A 93 -13.16 23.93 -18.67
C ASP A 93 -12.88 24.02 -17.17
N LYS A 94 -13.90 23.74 -16.35
CA LYS A 94 -13.70 23.73 -14.90
C LYS A 94 -12.64 22.73 -14.48
N ASN A 95 -12.57 21.59 -15.17
CA ASN A 95 -11.51 20.63 -14.91
C ASN A 95 -10.14 21.26 -15.05
N GLN A 96 -9.88 21.89 -16.20
CA GLN A 96 -8.60 22.55 -16.40
C GLN A 96 -8.39 23.67 -15.39
N ARG A 97 -9.47 24.34 -14.99
CA ARG A 97 -9.35 25.38 -13.96
C ARG A 97 -8.79 24.80 -12.67
N LEU A 98 -9.40 23.72 -12.17
CA LEU A 98 -8.94 23.13 -10.92
C LEU A 98 -7.58 22.49 -11.07
N ASN A 99 -7.30 21.87 -12.22
CA ASN A 99 -5.96 21.33 -12.47
C ASN A 99 -4.93 22.45 -12.42
N THR A 100 -5.23 23.59 -13.02
CA THR A 100 -4.33 24.74 -12.99
C THR A 100 -4.17 25.28 -11.57
N ILE A 101 -5.25 25.28 -10.79
CA ILE A 101 -5.15 25.76 -9.41
C ILE A 101 -4.27 24.83 -8.58
N LEU A 102 -4.49 23.52 -8.68
CA LEU A 102 -3.68 22.57 -7.93
C LEU A 102 -2.21 22.64 -8.35
N ASN A 103 -1.97 22.69 -9.67
CA ASN A 103 -0.60 22.83 -10.16
C ASN A 103 0.03 24.13 -9.65
N SER A 104 -0.71 25.24 -9.70
CA SER A 104 -0.17 26.53 -9.29
C SER A 104 0.10 26.57 -7.79
N MET A 105 -0.78 25.99 -6.98
CA MET A 105 -0.55 25.93 -5.55
C MET A 105 0.66 25.07 -5.21
N SER A 106 0.79 23.91 -5.87
CA SER A 106 1.95 23.06 -5.65
C SER A 106 3.23 23.74 -6.15
N THR A 107 3.15 24.50 -7.23
CA THR A 107 4.32 25.21 -7.72
C THR A 107 4.72 26.35 -6.80
N ILE A 108 3.75 27.05 -6.23
CA ILE A 108 4.05 28.07 -5.23
C ILE A 108 4.73 27.42 -4.02
N TYR A 109 4.14 26.34 -3.53
CA TYR A 109 4.71 25.61 -2.39
C TYR A 109 6.15 25.19 -2.66
N SER A 110 6.38 24.56 -3.82
CA SER A 110 7.73 24.07 -4.13
C SER A 110 8.70 25.23 -4.37
N THR A 111 8.27 26.28 -5.04
CA THR A 111 9.06 27.49 -5.26
C THR A 111 9.02 28.42 -4.07
N GLY A 112 9.13 27.89 -2.87
CA GLY A 112 9.01 28.69 -1.67
C GLY A 112 10.36 29.04 -1.07
N LYS A 113 10.80 30.29 -1.25
CA LYS A 113 12.05 30.79 -0.69
C LYS A 113 11.78 32.11 0.00
N ALA A 114 12.03 32.15 1.32
CA ALA A 114 11.89 33.34 2.14
C ALA A 114 13.26 33.90 2.50
N CYS A 115 13.33 35.23 2.57
CA CYS A 115 14.63 35.90 2.79
C CYS A 115 14.73 36.44 4.21
N ASN A 116 15.95 36.62 4.72
CA ASN A 116 16.12 36.99 6.14
C ASN A 116 16.33 38.49 6.33
N PRO A 117 15.49 39.20 7.11
CA PRO A 117 15.73 40.61 7.40
C PRO A 117 17.23 40.78 7.67
N SER A 118 17.80 41.91 7.24
CA SER A 118 19.24 42.19 7.44
C SER A 118 20.07 41.46 6.38
N ASN A 119 19.47 40.47 5.72
CA ASN A 119 20.20 39.74 4.64
C ASN A 119 19.40 39.86 3.35
N PRO A 120 19.90 40.60 2.34
CA PRO A 120 19.19 40.80 1.08
C PRO A 120 19.35 39.53 0.24
N GLN A 121 20.12 38.56 0.73
CA GLN A 121 20.39 37.34 -0.09
C GLN A 121 20.33 36.09 0.78
N GLU A 122 20.14 36.22 2.09
CA GLU A 122 19.98 34.98 2.89
C GLU A 122 18.69 34.28 2.48
N CYS A 123 17.98 34.82 1.49
CA CYS A 123 16.76 34.13 0.99
C CYS A 123 17.12 32.66 0.69
N LEU A 124 16.39 31.71 1.26
CA LEU A 124 16.61 30.28 1.10
C LEU A 124 15.28 29.57 0.94
N LEU A 125 15.28 28.54 0.10
CA LEU A 125 14.07 27.75 -0.10
C LEU A 125 13.73 26.97 1.17
N LEU A 126 12.53 26.41 1.22
CA LEU A 126 12.01 25.76 2.42
C LEU A 126 12.79 24.51 2.81
N GLU A 127 12.66 23.45 2.00
CA GLU A 127 13.33 22.17 2.26
C GLU A 127 14.85 22.26 2.48
N PRO A 128 15.62 23.10 1.74
CA PRO A 128 17.04 23.17 2.02
C PRO A 128 17.35 23.96 3.29
N GLY A 129 16.91 25.23 3.34
CA GLY A 129 17.34 26.10 4.48
C GLY A 129 16.38 26.29 5.64
N LEU A 130 15.10 26.56 5.37
CA LEU A 130 14.16 27.01 6.44
C LEU A 130 13.94 25.97 7.54
N ASP A 131 13.75 24.69 7.19
CA ASP A 131 13.37 23.71 8.24
C ASP A 131 14.48 23.60 9.29
N ASP A 132 15.74 23.37 8.90
CA ASP A 132 16.77 23.20 9.95
C ASP A 132 16.57 24.33 10.97
N ILE A 133 16.41 25.56 10.49
CA ILE A 133 16.11 26.68 11.42
C ILE A 133 14.95 26.25 12.30
N MET A 134 13.83 25.83 11.71
CA MET A 134 12.72 25.57 12.61
C MET A 134 12.87 24.29 13.44
N GLU A 135 13.98 23.56 13.31
CA GLU A 135 14.19 22.36 14.13
C GLU A 135 15.43 22.35 15.01
N ASN A 136 16.47 23.14 14.69
CA ASN A 136 17.73 23.19 15.43
C ASN A 136 18.16 24.65 15.64
N SER A 137 17.21 25.49 16.06
CA SER A 137 17.48 26.87 16.42
C SER A 137 16.83 27.17 17.76
N LYS A 138 17.52 27.95 18.57
CA LYS A 138 17.04 28.39 19.88
C LYS A 138 16.84 29.89 19.93
N ASP A 139 16.67 30.53 18.78
CA ASP A 139 16.53 31.98 18.67
C ASP A 139 15.06 32.26 18.35
N TYR A 140 14.35 32.87 19.30
CA TYR A 140 12.95 33.23 19.09
C TYR A 140 12.77 34.06 17.82
N ASN A 141 13.68 35.00 17.57
CA ASN A 141 13.50 35.92 16.44
C ASN A 141 13.70 35.22 15.10
N GLU A 142 14.71 34.34 15.01
CA GLU A 142 14.97 33.61 13.76
C GLU A 142 13.79 32.71 13.39
N ARG A 143 13.39 31.85 14.33
CA ARG A 143 12.25 30.96 14.12
C ARG A 143 10.99 31.75 13.81
N LEU A 144 10.78 32.87 14.53
CA LEU A 144 9.65 33.75 14.27
C LEU A 144 9.66 34.25 12.83
N TRP A 145 10.80 34.77 12.37
CA TRP A 145 10.91 35.26 11.01
C TRP A 145 10.56 34.17 10.01
N ALA A 146 11.08 32.96 10.21
CA ALA A 146 10.80 31.88 9.26
C ALA A 146 9.30 31.58 9.20
N TRP A 147 8.69 31.35 10.37
CA TRP A 147 7.27 31.02 10.45
C TRP A 147 6.42 32.10 9.79
N GLU A 148 6.68 33.36 10.15
CA GLU A 148 5.92 34.48 9.59
C GLU A 148 6.11 34.58 8.08
N GLY A 149 7.36 34.46 7.60
CA GLY A 149 7.62 34.65 6.19
C GLY A 149 6.89 33.63 5.33
N TRP A 150 7.00 32.35 5.70
CA TRP A 150 6.29 31.30 4.94
C TRP A 150 4.81 31.65 4.88
N ARG A 151 4.14 31.73 6.04
CA ARG A 151 2.68 31.98 6.07
C ARG A 151 2.35 33.36 5.49
N SER A 152 3.38 34.17 5.18
CA SER A 152 3.16 35.52 4.62
C SER A 152 3.36 35.50 3.10
N GLU A 153 4.58 35.21 2.66
CA GLU A 153 4.85 35.30 1.20
C GLU A 153 4.27 34.09 0.46
N VAL A 154 3.89 33.02 1.15
CA VAL A 154 3.42 31.83 0.47
C VAL A 154 1.92 31.63 0.71
N GLY A 155 1.51 31.71 1.98
CA GLY A 155 0.11 31.49 2.32
C GLY A 155 -0.81 32.54 1.71
N LYS A 156 -0.45 33.81 1.85
CA LYS A 156 -1.16 34.90 1.18
C LYS A 156 -1.34 34.61 -0.30
N GLN A 157 -0.25 34.31 -1.01
CA GLN A 157 -0.35 33.97 -2.43
C GLN A 157 -1.39 32.88 -2.66
N LEU A 158 -1.35 31.84 -1.83
CA LEU A 158 -2.28 30.73 -2.01
C LEU A 158 -3.71 31.08 -1.60
N ARG A 159 -3.91 32.13 -0.81
CA ARG A 159 -5.20 32.46 -0.23
C ARG A 159 -6.29 32.53 -1.30
N PRO A 160 -6.19 33.40 -2.33
CA PRO A 160 -7.24 33.39 -3.37
C PRO A 160 -7.37 32.05 -4.07
N LEU A 161 -6.24 31.39 -4.30
CA LEU A 161 -6.24 30.08 -4.96
C LEU A 161 -7.08 29.08 -4.18
N TYR A 162 -6.77 28.92 -2.89
CA TYR A 162 -7.54 28.00 -2.05
C TYR A 162 -8.99 28.44 -1.92
N GLU A 163 -9.25 29.75 -1.88
CA GLU A 163 -10.61 30.26 -1.88
C GLU A 163 -11.43 29.68 -3.03
N GLU A 164 -10.92 29.80 -4.26
CA GLU A 164 -11.68 29.25 -5.39
C GLU A 164 -11.61 27.72 -5.45
N TYR A 165 -10.49 27.15 -4.99
CA TYR A 165 -10.33 25.70 -4.91
C TYR A 165 -11.44 25.06 -4.09
N VAL A 166 -11.84 25.72 -3.00
CA VAL A 166 -12.92 25.20 -2.17
C VAL A 166 -14.23 25.14 -2.94
N ALA A 167 -14.59 26.23 -3.61
CA ALA A 167 -15.84 26.25 -4.36
C ALA A 167 -15.84 25.19 -5.46
N LEU A 168 -14.74 25.10 -6.20
CA LEU A 168 -14.66 24.13 -7.30
C LEU A 168 -14.76 22.70 -6.77
N LYS A 169 -14.01 22.39 -5.71
CA LYS A 169 -14.02 21.05 -5.13
C LYS A 169 -15.39 20.71 -4.57
N ASN A 170 -16.06 21.70 -3.96
CA ASN A 170 -17.40 21.47 -3.43
C ASN A 170 -18.38 21.17 -4.55
N GLU A 171 -18.29 21.90 -5.65
CA GLU A 171 -19.13 21.62 -6.81
C GLU A 171 -18.88 20.20 -7.33
N MET A 172 -17.61 19.82 -7.43
CA MET A 172 -17.27 18.44 -7.82
C MET A 172 -17.92 17.43 -6.89
N ALA A 173 -17.83 17.66 -5.58
CA ALA A 173 -18.38 16.73 -4.61
C ALA A 173 -19.88 16.58 -4.78
N ARG A 174 -20.56 17.73 -4.77
CA ARG A 174 -22.03 17.72 -4.92
C ARG A 174 -22.33 17.28 -6.35
N ALA A 175 -21.35 17.41 -7.25
CA ALA A 175 -21.57 16.89 -8.61
C ALA A 175 -21.81 15.39 -8.45
N ASN A 176 -20.98 14.76 -7.64
CA ASN A 176 -21.26 13.33 -7.31
C ASN A 176 -22.32 13.37 -6.19
N ASN A 177 -22.80 12.24 -5.71
CA ASN A 177 -23.82 12.35 -4.63
C ASN A 177 -23.11 12.68 -3.32
N TYR A 178 -22.73 13.94 -3.10
CA TYR A 178 -21.99 14.32 -1.87
C TYR A 178 -22.42 15.71 -1.40
N GLU A 179 -22.28 15.99 -0.10
CA GLU A 179 -22.72 17.29 0.45
C GLU A 179 -21.58 18.29 0.38
N ASP A 180 -20.34 17.83 0.55
CA ASP A 180 -19.19 18.72 0.44
C ASP A 180 -17.97 17.87 0.18
N TYR A 181 -16.89 18.53 -0.26
CA TYR A 181 -15.62 17.81 -0.46
C TYR A 181 -15.25 17.03 0.81
N GLY A 182 -15.63 17.56 1.97
CA GLY A 182 -15.48 16.85 3.22
C GLY A 182 -16.12 15.48 3.24
N ASP A 183 -17.38 15.39 2.81
CA ASP A 183 -18.05 14.09 2.76
C ASP A 183 -17.39 13.16 1.75
N TYR A 184 -16.95 13.72 0.63
CA TYR A 184 -16.21 12.94 -0.36
C TYR A 184 -14.99 12.29 0.27
N TRP A 185 -14.16 13.08 0.98
CA TRP A 185 -12.98 12.51 1.63
C TRP A 185 -13.37 11.53 2.73
N ARG A 186 -14.40 11.86 3.52
CA ARG A 186 -14.85 10.98 4.59
C ARG A 186 -15.39 9.66 4.06
N GLY A 187 -15.82 9.62 2.80
CA GLY A 187 -16.31 8.39 2.21
C GLY A 187 -15.29 7.28 2.10
N ASP A 188 -14.00 7.62 2.10
CA ASP A 188 -12.97 6.59 2.06
C ASP A 188 -13.09 5.64 3.24
N TYR A 189 -13.66 6.11 4.35
CA TYR A 189 -13.92 5.27 5.50
C TYR A 189 -15.30 4.63 5.46
N GLU A 190 -16.15 5.06 4.51
CA GLU A 190 -17.50 4.53 4.38
C GLU A 190 -17.46 3.17 3.72
N GLU A 191 -18.02 2.17 4.39
CA GLU A 191 -18.13 0.83 3.77
C GLU A 191 -19.50 0.27 4.15
N GLU A 192 -20.07 -0.62 3.34
CA GLU A 192 -21.46 -1.06 3.63
C GLU A 192 -21.61 -2.57 3.49
N TRP A 193 -22.84 -3.08 3.69
CA TRP A 193 -23.15 -4.52 3.54
C TRP A 193 -22.71 -5.33 4.75
N GLU A 194 -22.89 -6.66 4.69
CA GLU A 194 -22.54 -7.56 5.82
C GLU A 194 -23.38 -7.17 7.04
N ASN A 195 -23.13 -7.81 8.18
CA ASN A 195 -23.95 -7.55 9.38
C ASN A 195 -23.38 -6.38 10.18
N GLY A 196 -24.00 -5.21 10.09
CA GLY A 196 -23.54 -4.12 10.98
C GLY A 196 -22.09 -3.75 10.77
N TYR A 197 -21.47 -4.27 9.72
CA TYR A 197 -20.06 -3.94 9.42
C TYR A 197 -20.04 -2.66 8.58
N ASN A 198 -21.14 -1.92 8.61
CA ASN A 198 -21.26 -0.70 7.78
C ASN A 198 -20.80 0.50 8.59
N TYR A 199 -20.18 1.48 7.93
CA TYR A 199 -19.72 2.71 8.63
C TYR A 199 -20.10 3.93 7.79
N SER A 200 -21.10 4.69 8.24
CA SER A 200 -21.53 5.86 7.47
C SER A 200 -20.50 6.97 7.64
N ARG A 201 -20.30 7.74 6.56
CA ARG A 201 -19.24 8.74 6.53
C ARG A 201 -19.33 9.68 7.72
N ASN A 202 -20.53 10.08 8.09
CA ASN A 202 -20.70 11.01 9.19
C ASN A 202 -20.38 10.42 10.55
N GLN A 203 -20.34 9.08 10.65
CA GLN A 203 -19.89 8.45 11.89
C GLN A 203 -18.42 8.74 12.16
N LEU A 204 -17.65 9.02 11.10
CA LEU A 204 -16.22 9.29 11.27
C LEU A 204 -15.98 10.49 12.17
N ILE A 205 -16.81 11.52 12.00
CA ILE A 205 -16.72 12.71 12.83
C ILE A 205 -16.91 12.33 14.29
N ASP A 206 -18.01 11.63 14.59
CA ASP A 206 -18.31 11.20 15.95
C ASP A 206 -17.14 10.45 16.57
N ASP A 207 -16.62 9.47 15.84
CA ASP A 207 -15.60 8.58 16.40
C ASP A 207 -14.28 9.30 16.60
N VAL A 208 -13.85 10.10 15.61
CA VAL A 208 -12.64 10.89 15.77
C VAL A 208 -12.75 11.79 16.99
N GLU A 209 -13.91 12.43 17.18
CA GLU A 209 -14.05 13.36 18.29
C GLU A 209 -14.01 12.65 19.63
N HIS A 210 -14.72 11.53 19.77
CA HIS A 210 -14.71 10.86 21.07
C HIS A 210 -13.33 10.27 21.41
N THR A 211 -12.64 9.74 20.39
CA THR A 211 -11.28 9.27 20.60
C THR A 211 -10.37 10.43 21.03
N PHE A 212 -10.54 11.61 20.42
CA PHE A 212 -9.74 12.74 20.85
C PHE A 212 -10.07 13.17 22.27
N THR A 213 -11.33 13.04 22.69
CA THR A 213 -11.66 13.26 24.10
C THR A 213 -10.79 12.39 24.98
N GLN A 214 -10.74 11.09 24.70
CA GLN A 214 -9.95 10.22 25.58
C GLN A 214 -8.45 10.52 25.50
N ILE A 215 -7.96 10.97 24.35
CA ILE A 215 -6.53 11.28 24.26
C ILE A 215 -6.20 12.66 24.86
N MET A 216 -7.17 13.54 25.01
CA MET A 216 -6.93 14.89 25.54
C MET A 216 -6.14 14.94 26.84
N PRO A 217 -6.41 14.12 27.86
CA PRO A 217 -5.64 14.24 29.10
C PRO A 217 -4.14 14.05 28.90
N LEU A 218 -3.75 13.03 28.14
CA LEU A 218 -2.35 12.79 27.84
C LEU A 218 -1.72 13.99 27.14
N TYR A 219 -2.43 14.54 26.15
CA TYR A 219 -1.90 15.72 25.45
C TYR A 219 -1.78 16.91 26.38
N GLN A 220 -2.67 17.01 27.37
CA GLN A 220 -2.60 18.10 28.34
C GLN A 220 -1.33 18.02 29.18
N HIS A 221 -1.03 16.83 29.69
CA HIS A 221 0.16 16.69 30.53
C HIS A 221 1.44 16.79 29.70
N LEU A 222 1.43 16.25 28.49
CA LEU A 222 2.54 16.45 27.57
C LEU A 222 2.74 17.94 27.29
N HIS A 223 1.63 18.67 27.07
CA HIS A 223 1.68 20.11 26.91
C HIS A 223 2.39 20.76 28.08
N ALA A 224 1.97 20.41 29.30
CA ALA A 224 2.59 20.98 30.49
C ALA A 224 4.10 20.78 30.49
N TYR A 225 4.54 19.52 30.33
CA TYR A 225 5.97 19.21 30.40
C TYR A 225 6.76 19.97 29.34
N VAL A 226 6.35 19.85 28.09
CA VAL A 226 7.04 20.54 27.00
C VAL A 226 7.07 22.04 27.26
N ARG A 227 5.93 22.59 27.67
CA ARG A 227 5.81 24.01 27.97
C ARG A 227 6.84 24.45 29.00
N THR A 228 6.98 23.70 30.08
CA THR A 228 7.85 24.12 31.17
C THR A 228 9.31 24.07 30.77
N LYS A 229 9.71 22.97 30.14
CA LYS A 229 11.10 22.89 29.70
C LYS A 229 11.43 23.99 28.70
N LEU A 230 10.52 24.21 27.73
CA LEU A 230 10.71 25.27 26.76
C LEU A 230 10.76 26.64 27.44
N MET A 231 9.94 26.83 28.47
CA MET A 231 10.00 28.05 29.28
C MET A 231 11.42 28.28 29.76
N ASP A 232 12.02 27.26 30.37
CA ASP A 232 13.41 27.41 30.78
C ASP A 232 14.32 27.70 29.60
N THR A 233 13.97 27.24 28.40
CA THR A 233 14.79 27.64 27.26
C THR A 233 14.40 28.99 26.66
N TYR A 234 13.11 29.35 26.65
CA TYR A 234 12.65 30.63 26.10
C TYR A 234 11.84 31.37 27.18
N PRO A 235 12.50 31.90 28.20
CA PRO A 235 11.74 32.41 29.36
C PRO A 235 11.00 33.71 29.08
N SER A 236 11.50 34.54 28.16
CA SER A 236 10.93 35.88 28.00
C SER A 236 9.54 35.86 27.37
N TYR A 237 9.13 34.73 26.79
CA TYR A 237 7.95 34.69 25.94
C TYR A 237 6.89 33.68 26.36
N ILE A 238 7.27 32.60 27.03
CA ILE A 238 6.32 31.54 27.36
C ILE A 238 5.61 31.86 28.66
N SER A 239 4.29 31.63 28.68
CA SER A 239 3.47 31.85 29.85
C SER A 239 3.11 30.51 30.49
N PRO A 240 3.23 30.37 31.81
CA PRO A 240 3.01 29.05 32.43
C PRO A 240 1.61 28.50 32.25
N THR A 241 0.59 29.37 32.22
CA THR A 241 -0.80 28.96 32.00
C THR A 241 -1.30 29.37 30.62
N GLY A 242 -0.40 29.37 29.63
CA GLY A 242 -0.74 29.84 28.31
C GLY A 242 -0.44 28.79 27.25
N CYS A 243 -0.95 29.04 26.04
CA CYS A 243 -0.67 28.19 24.91
C CYS A 243 0.78 28.35 24.47
N LEU A 244 1.20 27.49 23.54
CA LEU A 244 2.61 27.54 23.19
C LEU A 244 2.82 28.29 21.88
N PRO A 245 3.89 29.09 21.77
CA PRO A 245 4.19 29.75 20.49
C PRO A 245 4.40 28.72 19.39
N ALA A 246 3.93 29.05 18.19
CA ALA A 246 3.95 28.08 17.11
C ALA A 246 5.35 27.84 16.59
N HIS A 247 6.17 28.88 16.53
CA HIS A 247 7.49 28.78 15.93
C HIS A 247 8.48 27.96 16.75
N LEU A 248 8.11 27.54 17.96
CA LEU A 248 9.00 26.82 18.85
C LEU A 248 8.65 25.35 18.98
N LEU A 249 7.84 24.82 18.09
CA LEU A 249 7.31 23.47 18.22
C LEU A 249 8.20 22.39 17.62
N GLY A 250 9.26 22.76 16.90
CA GLY A 250 10.18 21.81 16.31
C GLY A 250 10.10 21.71 14.80
N ASP A 251 9.02 22.21 14.20
CA ASP A 251 8.91 22.28 12.75
C ASP A 251 7.95 23.41 12.40
N MET A 252 8.08 23.91 11.18
CA MET A 252 7.36 25.09 10.70
C MET A 252 5.89 25.10 11.13
N TRP A 253 5.25 23.93 11.11
CA TRP A 253 3.86 23.81 11.52
C TRP A 253 3.71 23.26 12.92
N GLY A 254 4.72 22.61 13.47
CA GLY A 254 4.56 21.93 14.73
C GLY A 254 3.70 20.70 14.62
N ARG A 255 3.89 19.93 13.55
CA ARG A 255 3.14 18.69 13.39
C ARG A 255 3.75 17.55 14.21
N PHE A 256 5.04 17.61 14.55
CA PHE A 256 5.66 16.60 15.40
C PHE A 256 6.63 17.30 16.34
N TRP A 257 6.43 17.15 17.65
CA TRP A 257 7.29 17.81 18.62
C TRP A 257 8.61 17.06 18.82
N THR A 258 8.93 16.18 17.88
CA THR A 258 10.10 15.30 18.06
C THR A 258 11.37 16.10 18.23
N ASN A 259 11.58 17.13 17.40
CA ASN A 259 12.78 17.94 17.47
C ASN A 259 12.91 18.68 18.79
N LEU A 260 11.86 18.71 19.60
CA LEU A 260 11.95 19.33 20.92
C LEU A 260 12.57 18.42 21.97
N TYR A 261 12.96 17.21 21.59
CA TYR A 261 13.56 16.26 22.54
C TYR A 261 14.81 16.80 23.24
N PRO A 262 15.79 17.42 22.56
CA PRO A 262 16.95 17.96 23.28
C PRO A 262 16.58 18.96 24.36
N LEU A 263 15.53 19.74 24.13
CA LEU A 263 15.09 20.74 25.09
C LEU A 263 14.09 20.19 26.09
N THR A 264 13.61 18.95 25.89
CA THR A 264 12.59 18.35 26.74
C THR A 264 12.93 16.90 27.09
N VAL A 265 14.22 16.57 27.15
CA VAL A 265 14.61 15.18 27.39
C VAL A 265 14.45 14.84 28.87
N PRO A 266 13.62 13.83 29.22
CA PRO A 266 13.51 13.41 30.61
C PRO A 266 14.90 12.93 31.02
N PHE A 267 15.24 13.07 32.31
CA PHE A 267 16.62 12.72 32.71
C PHE A 267 17.55 13.47 31.77
N GLY A 268 18.35 12.75 30.98
CA GLY A 268 19.17 13.46 29.98
C GLY A 268 20.58 12.94 29.96
N GLN A 269 20.91 12.08 30.92
CA GLN A 269 22.26 11.45 30.96
C GLN A 269 22.13 10.05 30.39
N LYS A 270 21.30 9.22 31.02
CA LYS A 270 21.07 7.88 30.48
C LYS A 270 20.99 7.95 28.96
N PRO A 271 21.96 7.39 28.25
CA PRO A 271 21.98 7.53 26.79
C PRO A 271 20.80 6.82 26.15
N ASN A 272 20.64 7.05 24.85
CA ASN A 272 19.55 6.48 24.08
C ASN A 272 20.08 5.26 23.34
N ILE A 273 19.33 4.16 23.40
CA ILE A 273 19.74 2.92 22.73
C ILE A 273 19.95 3.19 21.24
N ASP A 274 21.19 2.99 20.77
CA ASP A 274 21.53 3.23 19.38
C ASP A 274 22.43 2.08 18.92
N VAL A 275 21.80 1.00 18.47
CA VAL A 275 22.52 -0.20 18.04
C VAL A 275 23.27 0.11 16.75
N THR A 276 23.13 1.34 16.25
CA THR A 276 23.80 1.75 15.02
C THR A 276 25.29 1.45 15.07
N ASN A 277 25.94 1.84 16.16
CA ASN A 277 27.37 1.54 16.30
C ASN A 277 27.62 0.04 16.27
N ALA A 278 26.75 -0.73 16.93
CA ALA A 278 26.89 -2.18 16.93
C ALA A 278 26.76 -2.76 15.53
N MET A 279 25.77 -2.29 14.77
CA MET A 279 25.65 -2.71 13.38
C MET A 279 26.90 -2.36 12.59
N VAL A 280 27.41 -1.14 12.77
CA VAL A 280 28.62 -0.71 12.09
C VAL A 280 29.79 -1.63 12.39
N ASN A 281 29.77 -2.22 13.59
CA ASN A 281 30.88 -3.11 13.99
C ASN A 281 30.65 -4.50 13.39
N GLN A 282 29.44 -5.04 13.54
CA GLN A 282 29.19 -6.42 13.05
C GLN A 282 29.17 -6.40 11.52
N SER A 283 29.54 -5.26 10.91
CA SER A 283 29.62 -5.17 9.43
C SER A 283 28.27 -5.42 8.76
N TRP A 284 27.20 -5.45 9.55
CA TRP A 284 25.87 -5.65 8.99
C TRP A 284 25.72 -4.82 7.73
N ASP A 285 25.44 -5.48 6.61
CA ASP A 285 25.16 -4.78 5.38
C ASP A 285 23.65 -4.65 5.20
N ALA A 286 23.26 -3.84 4.22
CA ALA A 286 21.84 -3.61 3.97
C ALA A 286 21.09 -4.93 3.81
N ARG A 287 21.67 -5.84 3.02
CA ARG A 287 21.05 -7.14 2.83
C ARG A 287 20.84 -7.85 4.15
N ARG A 288 21.80 -7.75 5.08
CA ARG A 288 21.66 -8.40 6.38
C ARG A 288 20.48 -7.81 7.14
N ILE A 289 20.32 -6.49 7.09
CA ILE A 289 19.16 -5.84 7.70
C ILE A 289 17.87 -6.46 7.17
N PHE A 290 17.72 -6.48 5.84
CA PHE A 290 16.48 -6.99 5.27
C PHE A 290 16.31 -8.48 5.52
N LYS A 291 17.41 -9.23 5.61
CA LYS A 291 17.36 -10.66 5.88
C LYS A 291 16.86 -10.94 7.29
N GLU A 292 17.33 -10.15 8.26
CA GLU A 292 16.83 -10.29 9.63
C GLU A 292 15.35 -9.94 9.70
N ALA A 293 14.92 -8.92 8.94
CA ALA A 293 13.50 -8.64 8.84
C ALA A 293 12.73 -9.84 8.31
N GLU A 294 13.19 -10.41 7.19
CA GLU A 294 12.62 -11.64 6.66
C GLU A 294 12.49 -12.72 7.73
N LYS A 295 13.57 -12.93 8.49
CA LYS A 295 13.56 -13.95 9.54
C LYS A 295 12.49 -13.66 10.57
N PHE A 296 12.29 -12.38 10.90
CA PHE A 296 11.21 -11.99 11.81
C PHE A 296 9.85 -12.41 11.26
N PHE A 297 9.59 -12.07 9.99
CA PHE A 297 8.28 -12.39 9.41
C PHE A 297 8.08 -13.89 9.29
N VAL A 298 9.14 -14.63 8.98
CA VAL A 298 9.05 -16.09 8.99
C VAL A 298 8.75 -16.59 10.40
N SER A 299 9.32 -15.93 11.41
CA SER A 299 9.12 -16.34 12.79
C SER A 299 7.66 -16.21 13.20
N VAL A 300 7.00 -15.13 12.81
CA VAL A 300 5.58 -15.03 13.14
C VAL A 300 4.72 -15.91 12.25
N GLY A 301 5.29 -16.52 11.23
CA GLY A 301 4.59 -17.44 10.36
C GLY A 301 4.32 -16.92 8.97
N LEU A 302 4.65 -15.67 8.70
CA LEU A 302 4.42 -15.08 7.39
C LEU A 302 5.44 -15.64 6.39
N PRO A 303 5.15 -15.58 5.08
CA PRO A 303 6.10 -16.09 4.09
C PRO A 303 7.40 -15.29 4.04
N ASN A 304 8.31 -15.71 3.18
CA ASN A 304 9.53 -14.95 2.97
C ASN A 304 9.53 -14.37 1.56
N MET A 305 10.37 -13.36 1.36
CA MET A 305 10.36 -12.58 0.15
C MET A 305 10.59 -13.47 -1.08
N THR A 306 9.98 -13.08 -2.18
CA THR A 306 10.23 -13.76 -3.43
C THR A 306 11.67 -13.56 -3.88
N GLN A 307 12.19 -14.54 -4.62
CA GLN A 307 13.40 -14.33 -5.40
C GLN A 307 13.37 -12.97 -6.10
N GLY A 308 12.23 -12.64 -6.69
CA GLY A 308 12.09 -11.36 -7.35
C GLY A 308 12.38 -10.19 -6.44
N PHE A 309 12.03 -10.31 -5.16
CA PHE A 309 12.33 -9.24 -4.22
C PHE A 309 13.85 -9.03 -4.12
N TRP A 310 14.59 -10.09 -3.85
CA TRP A 310 16.04 -9.94 -3.66
C TRP A 310 16.74 -9.58 -4.95
N GLU A 311 16.19 -9.97 -6.10
CA GLU A 311 16.88 -9.77 -7.38
C GLU A 311 16.54 -8.44 -8.02
N ASN A 312 15.37 -7.88 -7.74
CA ASN A 312 14.87 -6.70 -8.42
C ASN A 312 14.81 -5.46 -7.54
N SER A 313 14.82 -5.62 -6.22
CA SER A 313 14.72 -4.46 -5.34
C SER A 313 16.03 -3.68 -5.35
N MET A 314 15.92 -2.39 -5.03
CA MET A 314 17.08 -1.52 -4.81
C MET A 314 17.18 -1.31 -3.31
N LEU A 315 18.01 -2.12 -2.65
CA LEU A 315 18.19 -1.99 -1.22
C LEU A 315 19.30 -1.02 -0.84
N THR A 316 20.06 -0.51 -1.82
CA THR A 316 21.17 0.39 -1.55
C THR A 316 21.18 1.49 -2.59
N GLU A 317 21.78 2.63 -2.24
CA GLU A 317 22.08 3.66 -3.22
C GLU A 317 22.85 3.06 -4.38
N PRO A 318 22.58 3.46 -5.61
CA PRO A 318 23.22 2.84 -6.78
C PRO A 318 24.66 3.26 -7.00
N SER A 319 25.46 3.22 -5.93
CA SER A 319 26.82 3.77 -5.98
C SER A 319 26.78 5.18 -6.55
N ASP A 320 27.55 5.39 -7.62
CA ASP A 320 27.42 6.61 -8.42
C ASP A 320 27.01 6.34 -9.86
N SER A 321 26.60 5.10 -10.18
CA SER A 321 26.27 4.76 -11.57
C SER A 321 24.97 5.44 -12.03
N ARG A 322 24.04 5.73 -11.12
CA ARG A 322 22.76 6.33 -11.47
C ARG A 322 22.35 7.34 -10.41
N LYS A 323 21.27 8.06 -10.70
CA LYS A 323 20.68 9.06 -9.83
C LYS A 323 19.29 8.61 -9.43
N VAL A 324 18.98 8.64 -8.13
CA VAL A 324 17.77 7.99 -7.60
C VAL A 324 17.10 8.89 -6.56
N VAL A 325 15.80 8.70 -6.40
CA VAL A 325 15.03 9.29 -5.31
C VAL A 325 15.15 8.37 -4.10
N CYS A 326 15.58 8.93 -2.95
CA CYS A 326 15.90 8.10 -1.80
C CYS A 326 14.73 7.77 -0.90
N HIS A 327 13.71 8.64 -0.83
CA HIS A 327 12.60 8.43 0.09
C HIS A 327 12.10 6.99 0.06
N PRO A 328 12.15 6.27 1.18
CA PRO A 328 11.78 4.84 1.17
C PRO A 328 10.37 4.62 0.63
N THR A 329 10.23 3.59 -0.21
CA THR A 329 8.96 3.26 -0.84
C THR A 329 8.85 1.74 -0.95
N ALA A 330 7.65 1.22 -0.72
CA ALA A 330 7.31 -0.19 -0.98
C ALA A 330 6.47 -0.27 -2.25
N TRP A 331 6.70 -1.32 -3.04
CA TRP A 331 6.18 -1.37 -4.40
C TRP A 331 5.57 -2.74 -4.70
N ASP A 332 4.30 -2.72 -5.09
CA ASP A 332 3.58 -3.88 -5.61
C ASP A 332 3.24 -3.55 -7.06
N LEU A 333 4.20 -3.80 -7.95
CA LEU A 333 4.03 -3.54 -9.38
C LEU A 333 2.89 -4.34 -10.00
N GLY A 334 2.27 -5.25 -9.26
CA GLY A 334 1.36 -6.21 -9.86
C GLY A 334 2.12 -7.42 -10.37
N LYS A 335 1.35 -8.45 -10.74
CA LYS A 335 1.89 -9.61 -11.45
C LYS A 335 2.99 -10.30 -10.64
N GLY A 336 2.97 -10.15 -9.31
CA GLY A 336 3.88 -10.83 -8.43
C GLY A 336 5.24 -10.18 -8.27
N ASP A 337 5.47 -9.02 -8.88
CA ASP A 337 6.78 -8.37 -8.84
C ASP A 337 6.77 -7.39 -7.67
N PHE A 338 7.15 -7.87 -6.49
CA PHE A 338 7.23 -7.05 -5.28
C PHE A 338 8.65 -6.53 -5.10
N ARG A 339 8.77 -5.25 -4.72
CA ARG A 339 10.08 -4.63 -4.58
C ARG A 339 10.04 -3.59 -3.47
N ILE A 340 11.23 -3.13 -3.06
CA ILE A 340 11.39 -2.05 -2.08
C ILE A 340 12.53 -1.14 -2.54
N LYS A 341 12.28 0.17 -2.54
CA LYS A 341 13.29 1.17 -2.86
C LYS A 341 13.68 1.91 -1.59
N MET A 342 14.96 1.85 -1.26
CA MET A 342 15.41 2.59 -0.08
C MET A 342 16.88 2.91 -0.26
N CYS A 343 17.35 4.02 0.32
CA CYS A 343 18.80 4.29 0.31
C CYS A 343 19.27 3.78 1.67
N THR A 344 19.10 2.48 1.88
CA THR A 344 19.45 1.88 3.19
C THR A 344 20.88 2.17 3.59
N LYS A 345 21.09 2.77 4.76
CA LYS A 345 22.47 2.96 5.27
C LYS A 345 22.64 1.93 6.40
N VAL A 346 23.65 2.08 7.25
CA VAL A 346 23.80 1.17 8.40
C VAL A 346 23.34 1.96 9.63
N THR A 347 22.05 1.96 9.91
CA THR A 347 21.54 2.79 11.01
C THR A 347 20.31 2.12 11.62
N MET A 348 20.18 2.18 12.94
CA MET A 348 18.96 1.62 13.58
C MET A 348 17.75 2.14 12.80
N ASP A 349 17.73 3.44 12.50
CA ASP A 349 16.53 3.97 11.85
C ASP A 349 16.22 3.25 10.57
N ASP A 350 17.21 3.10 9.68
CA ASP A 350 16.97 2.37 8.43
C ASP A 350 16.61 0.90 8.68
N PHE A 351 17.12 0.33 9.76
CA PHE A 351 16.75 -1.03 10.16
C PHE A 351 15.26 -1.12 10.47
N LEU A 352 14.80 -0.30 11.41
CA LEU A 352 13.38 -0.27 11.75
C LEU A 352 12.54 0.08 10.53
N THR A 353 13.07 0.96 9.67
CA THR A 353 12.37 1.37 8.46
C THR A 353 12.21 0.20 7.49
N ALA A 354 13.25 -0.63 7.37
CA ALA A 354 13.15 -1.83 6.55
C ALA A 354 12.08 -2.76 7.08
N HIS A 355 12.00 -2.91 8.41
CA HIS A 355 10.93 -3.74 8.96
C HIS A 355 9.54 -3.19 8.60
N HIS A 356 9.37 -1.88 8.73
CA HIS A 356 8.10 -1.24 8.38
C HIS A 356 7.73 -1.48 6.90
N GLU A 357 8.68 -1.18 6.01
CA GLU A 357 8.41 -1.25 4.58
C GLU A 357 8.18 -2.70 4.16
N MET A 358 8.92 -3.64 4.75
CA MET A 358 8.70 -5.05 4.44
C MET A 358 7.35 -5.52 4.96
N GLY A 359 6.87 -4.94 6.06
CA GLY A 359 5.51 -5.22 6.49
C GLY A 359 4.49 -4.79 5.45
N HIS A 360 4.70 -3.62 4.85
CA HIS A 360 3.90 -3.23 3.70
C HIS A 360 3.95 -4.31 2.61
N ILE A 361 5.16 -4.78 2.29
CA ILE A 361 5.31 -5.80 1.26
C ILE A 361 4.53 -7.07 1.63
N GLN A 362 4.55 -7.45 2.90
CA GLN A 362 3.87 -8.66 3.32
C GLN A 362 2.37 -8.51 3.16
N TYR A 363 1.83 -7.34 3.54
CA TYR A 363 0.44 -7.05 3.29
C TYR A 363 0.10 -7.20 1.81
N ASP A 364 0.93 -6.61 0.94
CA ASP A 364 0.70 -6.70 -0.51
C ASP A 364 0.66 -8.16 -0.97
N MET A 365 1.62 -8.97 -0.52
CA MET A 365 1.66 -10.37 -0.89
C MET A 365 0.44 -11.13 -0.37
N ALA A 366 -0.11 -10.68 0.76
CA ALA A 366 -1.22 -11.40 1.38
C ALA A 366 -2.56 -11.20 0.67
N TYR A 367 -2.76 -10.08 -0.03
CA TYR A 367 -4.01 -9.85 -0.73
C TYR A 367 -3.88 -9.96 -2.25
N ALA A 368 -2.83 -10.63 -2.74
CA ALA A 368 -2.72 -10.87 -4.17
C ALA A 368 -3.83 -11.81 -4.65
N ALA A 369 -4.32 -12.67 -3.77
CA ALA A 369 -5.42 -13.56 -4.14
C ALA A 369 -6.67 -12.80 -4.53
N GLN A 370 -6.90 -11.63 -3.92
CA GLN A 370 -8.08 -10.84 -4.21
C GLN A 370 -7.97 -10.21 -5.60
N PRO A 371 -9.11 -9.87 -6.22
CA PRO A 371 -9.07 -9.19 -7.52
C PRO A 371 -8.51 -7.78 -7.40
N PHE A 372 -8.23 -7.17 -8.56
CA PHE A 372 -7.45 -5.94 -8.61
C PHE A 372 -8.08 -4.82 -7.77
N LEU A 373 -9.35 -4.51 -8.03
CA LEU A 373 -10.00 -3.40 -7.31
C LEU A 373 -10.13 -3.66 -5.82
N LEU A 374 -9.92 -4.88 -5.34
CA LEU A 374 -9.95 -5.20 -3.92
C LEU A 374 -8.55 -5.43 -3.35
N ARG A 375 -7.50 -5.18 -4.14
CA ARG A 375 -6.11 -5.40 -3.73
C ARG A 375 -5.57 -4.14 -3.06
N ASN A 376 -6.00 -3.92 -1.83
CA ASN A 376 -5.53 -2.76 -1.10
C ASN A 376 -5.98 -2.90 0.34
N GLY A 377 -5.43 -2.03 1.18
CA GLY A 377 -5.83 -2.02 2.59
C GLY A 377 -7.29 -1.65 2.74
N ALA A 378 -7.85 -2.09 3.87
CA ALA A 378 -9.28 -1.94 4.11
C ALA A 378 -9.69 -0.47 4.14
N ASN A 379 -8.95 0.34 4.89
CA ASN A 379 -9.10 1.79 4.79
C ASN A 379 -7.77 2.42 4.37
N GLU A 380 -7.57 3.69 4.65
CA GLU A 380 -6.34 4.38 4.25
C GLU A 380 -5.24 4.27 5.29
N GLY A 381 -5.51 3.64 6.43
CA GLY A 381 -4.55 3.61 7.53
C GLY A 381 -4.04 2.23 7.90
N PHE A 382 -4.79 1.19 7.52
CA PHE A 382 -4.39 -0.20 7.79
C PHE A 382 -2.93 -0.45 7.42
N HIS A 383 -2.54 -0.01 6.22
CA HIS A 383 -1.23 -0.30 5.65
C HIS A 383 -0.08 0.25 6.50
N GLU A 384 -0.01 1.57 6.61
CA GLU A 384 1.05 2.21 7.37
C GLU A 384 1.01 1.80 8.84
N ALA A 385 -0.17 1.44 9.35
CA ALA A 385 -0.26 0.94 10.72
C ALA A 385 0.46 -0.39 10.90
N VAL A 386 0.18 -1.35 10.01
CA VAL A 386 0.95 -2.61 10.00
C VAL A 386 2.45 -2.31 9.96
N GLY A 387 2.84 -1.44 9.01
CA GLY A 387 4.23 -1.05 8.90
C GLY A 387 4.82 -0.60 10.22
N GLU A 388 4.09 0.24 10.95
CA GLU A 388 4.62 0.81 12.18
C GLU A 388 4.70 -0.22 13.30
N ILE A 389 3.69 -1.10 13.41
CA ILE A 389 3.74 -2.13 14.45
C ILE A 389 4.99 -2.98 14.30
N MET A 390 5.43 -3.21 13.05
CA MET A 390 6.67 -3.93 12.86
C MET A 390 7.84 -3.25 13.57
N SER A 391 8.00 -1.93 13.35
CA SER A 391 9.10 -1.20 13.98
C SER A 391 8.98 -1.23 15.50
N LEU A 392 7.75 -1.13 16.01
CA LEU A 392 7.54 -1.22 17.45
C LEU A 392 8.12 -2.51 18.00
N SER A 393 7.82 -3.64 17.37
CA SER A 393 8.35 -4.91 17.87
C SER A 393 9.87 -4.97 17.71
N ALA A 394 10.36 -4.48 16.57
CA ALA A 394 11.80 -4.52 16.28
C ALA A 394 12.61 -3.51 17.10
N ALA A 395 11.97 -2.64 17.88
CA ALA A 395 12.68 -1.69 18.73
C ALA A 395 12.85 -2.16 20.18
N THR A 396 12.04 -3.10 20.63
CA THR A 396 12.15 -3.61 22.00
C THR A 396 13.52 -4.27 22.19
N PRO A 397 14.29 -3.88 23.20
CA PRO A 397 15.62 -4.46 23.40
C PRO A 397 15.65 -5.98 23.45
N ASN A 398 14.52 -6.62 23.75
CA ASN A 398 14.41 -8.07 23.64
C ASN A 398 14.84 -8.55 22.26
N HIS A 399 14.16 -8.03 21.23
CA HIS A 399 14.48 -8.41 19.85
C HIS A 399 15.89 -7.96 19.46
N LEU A 400 16.36 -6.84 20.02
CA LEU A 400 17.70 -6.35 19.72
C LEU A 400 18.77 -7.29 20.26
N LYS A 401 18.52 -7.88 21.43
CA LYS A 401 19.43 -8.86 21.99
C LYS A 401 19.38 -10.17 21.20
N ASN A 402 18.19 -10.57 20.76
CA ASN A 402 18.06 -11.79 19.95
C ASN A 402 18.95 -11.73 18.72
N ILE A 403 18.75 -10.72 17.88
CA ILE A 403 19.58 -10.54 16.70
C ILE A 403 21.06 -10.31 17.03
N GLY A 404 21.39 -10.11 18.30
CA GLY A 404 22.78 -9.94 18.68
C GLY A 404 23.32 -8.56 18.46
N LEU A 405 22.48 -7.52 18.62
CA LEU A 405 22.90 -6.14 18.48
C LEU A 405 22.98 -5.41 19.82
N LEU A 406 22.82 -6.14 20.93
CA LEU A 406 22.84 -5.56 22.25
C LEU A 406 23.23 -6.66 23.22
N PRO A 407 24.19 -6.41 24.13
CA PRO A 407 24.67 -7.51 24.98
C PRO A 407 23.57 -8.08 25.84
N PRO A 408 23.61 -9.39 26.16
CA PRO A 408 22.54 -9.98 26.98
C PRO A 408 22.40 -9.34 28.35
N SER A 409 23.52 -9.06 29.02
CA SER A 409 23.49 -8.51 30.36
C SER A 409 22.79 -7.16 30.42
N PHE A 410 22.74 -6.44 29.30
CA PHE A 410 22.11 -5.12 29.26
C PHE A 410 20.71 -5.18 29.85
N PHE A 411 20.38 -4.17 30.65
CA PHE A 411 19.09 -4.09 31.31
C PHE A 411 18.52 -2.69 31.09
N GLU A 412 17.20 -2.60 31.13
CA GLU A 412 16.51 -1.35 30.86
C GLU A 412 16.26 -0.61 32.18
N ASP A 413 16.87 0.55 32.32
CA ASP A 413 16.58 1.39 33.47
C ASP A 413 15.31 2.19 33.20
N SER A 414 14.43 2.26 34.21
CA SER A 414 13.18 3.01 34.08
C SER A 414 13.40 4.38 33.47
N GLU A 415 14.56 4.99 33.73
CA GLU A 415 14.87 6.31 33.19
C GLU A 415 14.93 6.28 31.66
N THR A 416 15.67 5.31 31.10
CA THR A 416 15.77 5.21 29.64
C THR A 416 14.41 4.89 29.03
N GLU A 417 13.62 4.05 29.70
CA GLU A 417 12.28 3.75 29.22
C GLU A 417 11.43 5.01 29.13
N ILE A 418 11.49 5.86 30.17
CA ILE A 418 10.74 7.11 30.14
C ILE A 418 11.24 8.02 29.01
N ASN A 419 12.55 8.06 28.81
CA ASN A 419 13.11 8.87 27.71
C ASN A 419 12.54 8.42 26.37
N PHE A 420 12.60 7.11 26.10
CA PHE A 420 12.11 6.56 24.84
C PHE A 420 10.62 6.83 24.68
N LEU A 421 9.83 6.56 25.72
CA LEU A 421 8.40 6.78 25.64
C LEU A 421 8.06 8.25 25.42
N LEU A 422 8.87 9.16 25.96
CA LEU A 422 8.63 10.58 25.75
C LEU A 422 8.92 10.99 24.31
N LYS A 423 10.00 10.45 23.73
CA LYS A 423 10.26 10.73 22.31
C LYS A 423 9.12 10.22 21.44
N GLN A 424 8.70 8.99 21.73
CA GLN A 424 7.54 8.44 20.99
C GLN A 424 6.38 9.42 21.17
N ALA A 425 6.17 9.88 22.40
CA ALA A 425 5.03 10.78 22.68
C ALA A 425 5.05 11.97 21.72
N LEU A 426 6.10 12.78 21.79
CA LEU A 426 6.13 14.01 20.96
C LEU A 426 5.73 13.65 19.52
N THR A 427 6.40 12.67 18.93
CA THR A 427 6.14 12.35 17.51
C THR A 427 4.72 11.81 17.30
N ILE A 428 4.16 11.10 18.27
CA ILE A 428 2.85 10.49 18.02
C ILE A 428 1.73 11.34 18.62
N VAL A 429 1.76 11.43 19.96
CA VAL A 429 0.77 12.18 20.71
C VAL A 429 0.80 13.67 20.34
N GLY A 430 1.85 14.16 19.69
CA GLY A 430 1.84 15.55 19.29
C GLY A 430 1.07 15.78 18.02
N THR A 431 1.29 14.92 17.03
CA THR A 431 0.57 15.11 15.78
C THR A 431 -0.91 14.80 15.94
N LEU A 432 -1.27 13.94 16.91
CA LEU A 432 -2.69 13.59 17.04
C LEU A 432 -3.60 14.83 17.09
N PRO A 433 -3.41 15.77 18.03
CA PRO A 433 -4.30 16.95 18.04
C PRO A 433 -4.14 17.84 16.83
N PHE A 434 -2.90 18.04 16.38
CA PHE A 434 -2.64 18.80 15.17
C PHE A 434 -3.46 18.24 14.00
N THR A 435 -3.45 16.92 13.86
CA THR A 435 -4.18 16.27 12.78
C THR A 435 -5.69 16.48 12.92
N TYR A 436 -6.23 16.21 14.10
CA TYR A 436 -7.66 16.40 14.31
C TYR A 436 -8.07 17.82 13.94
N MET A 437 -7.29 18.80 14.40
CA MET A 437 -7.67 20.20 14.19
C MET A 437 -7.58 20.58 12.72
N LEU A 438 -6.51 20.16 12.04
CA LEU A 438 -6.36 20.46 10.63
C LEU A 438 -7.54 19.91 9.83
N GLU A 439 -7.82 18.62 9.97
CA GLU A 439 -8.91 18.04 9.19
C GLU A 439 -10.28 18.57 9.60
N LYS A 440 -10.45 18.96 10.87
CA LYS A 440 -11.72 19.55 11.27
C LYS A 440 -11.95 20.91 10.63
N TRP A 441 -10.92 21.75 10.62
CA TRP A 441 -11.04 23.04 9.95
C TRP A 441 -11.38 22.84 8.49
N ARG A 442 -10.68 21.93 7.81
CA ARG A 442 -10.97 21.71 6.39
C ARG A 442 -12.38 21.17 6.19
N TRP A 443 -12.80 20.22 7.01
CA TRP A 443 -14.14 19.63 6.90
C TRP A 443 -15.22 20.69 7.01
N MET A 444 -15.14 21.52 8.06
CA MET A 444 -16.15 22.55 8.26
C MET A 444 -16.09 23.59 7.16
N VAL A 445 -14.89 23.98 6.73
CA VAL A 445 -14.77 24.96 5.64
C VAL A 445 -15.47 24.45 4.39
N PHE A 446 -15.24 23.17 4.03
CA PHE A 446 -15.93 22.62 2.88
C PHE A 446 -17.43 22.56 3.12
N LYS A 447 -17.84 22.22 4.34
CA LYS A 447 -19.25 22.28 4.71
C LYS A 447 -19.77 23.70 4.77
N GLY A 448 -18.88 24.70 4.71
CA GLY A 448 -19.28 26.09 4.70
C GLY A 448 -19.46 26.70 6.08
N GLU A 449 -19.33 25.90 7.14
CA GLU A 449 -19.62 26.40 8.47
C GLU A 449 -18.71 27.56 8.87
N ILE A 450 -17.54 27.66 8.24
CA ILE A 450 -16.59 28.73 8.51
C ILE A 450 -16.64 29.72 7.34
N PRO A 451 -17.19 30.90 7.52
CA PRO A 451 -17.18 31.89 6.44
C PRO A 451 -15.78 32.47 6.23
N LYS A 452 -15.54 32.94 5.00
CA LYS A 452 -14.23 33.43 4.63
C LYS A 452 -13.76 34.58 5.51
N ASP A 453 -14.68 35.44 5.97
CA ASP A 453 -14.28 36.54 6.85
C ASP A 453 -13.74 36.02 8.18
N GLN A 454 -14.19 34.83 8.56
CA GLN A 454 -13.66 34.21 9.80
C GLN A 454 -12.97 32.91 9.40
N TRP A 455 -12.39 32.86 8.21
CA TRP A 455 -11.67 31.65 7.77
C TRP A 455 -10.45 31.45 8.68
N MET A 456 -9.48 32.37 8.63
CA MET A 456 -8.23 32.18 9.40
C MET A 456 -8.50 32.36 10.90
N LYS A 457 -9.41 33.26 11.26
CA LYS A 457 -9.65 33.53 12.71
C LYS A 457 -9.89 32.20 13.40
N THR A 458 -10.97 31.51 13.01
CA THR A 458 -11.30 30.21 13.66
C THR A 458 -10.04 29.34 13.70
N TRP A 459 -9.30 29.30 12.59
CA TRP A 459 -8.14 28.42 12.52
C TRP A 459 -7.30 28.52 13.79
N TRP A 460 -6.86 29.74 14.14
CA TRP A 460 -6.03 29.91 15.32
C TRP A 460 -6.85 29.78 16.61
N GLU A 461 -8.15 30.14 16.55
CA GLU A 461 -9.03 29.85 17.69
C GLU A 461 -8.96 28.36 18.06
N MET A 462 -9.08 27.48 17.08
CA MET A 462 -8.94 26.05 17.30
C MET A 462 -7.52 25.66 17.70
N LYS A 463 -6.53 26.16 16.96
CA LYS A 463 -5.12 25.92 17.28
C LYS A 463 -4.83 26.15 18.76
N ARG A 464 -5.54 27.11 19.37
CA ARG A 464 -5.41 27.32 20.81
C ARG A 464 -6.27 26.36 21.60
N ASN A 465 -7.58 26.31 21.32
CA ASN A 465 -8.48 25.51 22.13
C ASN A 465 -8.18 24.02 22.01
N ILE A 466 -7.72 23.57 20.83
CA ILE A 466 -7.44 22.15 20.62
C ILE A 466 -5.94 21.90 20.78
N VAL A 467 -5.15 22.38 19.82
CA VAL A 467 -3.72 22.08 19.81
C VAL A 467 -2.99 22.73 20.98
N GLY A 468 -3.53 23.80 21.56
CA GLY A 468 -2.81 24.45 22.65
C GLY A 468 -1.65 25.30 22.17
N VAL A 469 -1.70 25.77 20.93
CA VAL A 469 -0.66 26.58 20.32
C VAL A 469 -1.24 27.94 19.97
N VAL A 470 -0.39 28.98 20.04
CA VAL A 470 -0.81 30.36 19.85
C VAL A 470 -0.01 30.96 18.69
N GLU A 471 -0.62 31.97 18.03
CA GLU A 471 0.03 32.64 16.91
C GLU A 471 1.08 33.59 17.44
N PRO A 472 2.34 33.49 16.97
CA PRO A 472 3.34 34.50 17.38
C PRO A 472 3.01 35.90 16.93
N VAL A 473 2.56 36.06 15.68
CA VAL A 473 2.18 37.35 15.12
C VAL A 473 0.73 37.22 14.64
N PRO A 474 -0.16 38.15 15.03
CA PRO A 474 -1.55 38.06 14.58
C PRO A 474 -1.64 38.09 13.06
N HIS A 475 -2.50 37.24 12.52
CA HIS A 475 -2.63 37.06 11.08
C HIS A 475 -4.07 37.35 10.68
N ASP A 476 -4.24 38.19 9.66
CA ASP A 476 -5.55 38.55 9.15
C ASP A 476 -5.92 37.64 7.99
N GLU A 477 -7.12 37.83 7.46
CA GLU A 477 -7.60 36.98 6.38
C GLU A 477 -6.78 37.11 5.09
N THR A 478 -5.87 38.10 5.03
CA THR A 478 -4.91 38.14 3.93
C THR A 478 -4.04 36.90 3.92
N TYR A 479 -3.83 36.28 5.08
CA TYR A 479 -3.02 35.09 5.19
C TYR A 479 -3.83 33.86 4.83
N CYS A 480 -3.15 32.73 4.69
CA CYS A 480 -3.78 31.44 4.50
C CYS A 480 -2.82 30.37 5.03
N ASP A 481 -2.57 30.41 6.34
CA ASP A 481 -1.63 29.50 6.98
C ASP A 481 -1.94 28.02 6.76
N PRO A 482 -3.20 27.57 6.71
CA PRO A 482 -3.44 26.14 6.41
C PRO A 482 -2.78 25.64 5.13
N ALA A 483 -2.81 26.44 4.07
CA ALA A 483 -2.20 26.03 2.81
C ALA A 483 -0.70 25.85 2.92
N SER A 484 -0.10 26.35 4.02
CA SER A 484 1.34 26.27 4.23
C SER A 484 1.84 24.83 4.39
N LEU A 485 0.96 23.87 4.54
CA LEU A 485 1.34 22.46 4.68
C LEU A 485 1.13 21.74 3.35
N PHE A 486 2.12 20.93 2.96
CA PHE A 486 2.08 20.26 1.66
C PHE A 486 0.81 19.43 1.49
N HIS A 487 0.40 18.74 2.55
CA HIS A 487 -0.80 17.92 2.50
C HIS A 487 -2.06 18.73 2.27
N VAL A 488 -2.00 20.04 2.48
CA VAL A 488 -3.14 20.93 2.29
C VAL A 488 -3.05 21.68 0.97
N ALA A 489 -1.85 22.14 0.63
CA ALA A 489 -1.67 22.86 -0.62
C ALA A 489 -1.72 21.94 -1.83
N ASN A 490 -1.53 20.63 -1.63
CA ASN A 490 -1.50 19.68 -2.74
C ASN A 490 -2.67 18.70 -2.69
N ASP A 491 -3.75 19.04 -2.01
CA ASP A 491 -5.01 18.30 -2.05
C ASP A 491 -4.82 16.85 -1.60
N TYR A 492 -4.52 16.69 -0.31
CA TYR A 492 -4.37 15.38 0.29
C TYR A 492 -5.09 15.35 1.63
N SER A 493 -5.71 14.21 1.92
CA SER A 493 -6.34 14.04 3.22
C SER A 493 -5.26 14.02 4.31
N PHE A 494 -5.70 14.24 5.55
CA PHE A 494 -4.79 14.29 6.68
C PHE A 494 -5.24 13.48 7.87
N ILE A 495 -6.53 13.13 7.97
CA ILE A 495 -7.01 12.32 9.07
C ILE A 495 -6.39 10.93 9.08
N ARG A 496 -5.84 10.48 7.94
CA ARG A 496 -5.21 9.18 7.82
C ARG A 496 -4.16 8.96 8.90
N TYR A 497 -3.39 9.99 9.22
CA TYR A 497 -2.36 9.85 10.25
C TYR A 497 -2.99 9.58 11.63
N TYR A 498 -4.05 10.32 11.94
CA TYR A 498 -4.80 10.10 13.18
C TYR A 498 -5.31 8.67 13.27
N THR A 499 -6.03 8.23 12.23
CA THR A 499 -6.62 6.89 12.25
C THR A 499 -5.54 5.81 12.33
N ARG A 500 -4.51 5.90 11.47
CA ARG A 500 -3.38 4.97 11.51
C ARG A 500 -2.80 4.84 12.90
N THR A 501 -2.55 5.98 13.54
CA THR A 501 -2.00 5.98 14.88
C THR A 501 -2.90 5.22 15.84
N ILE A 502 -4.20 5.49 15.82
CA ILE A 502 -5.09 4.78 16.74
C ILE A 502 -5.09 3.28 16.43
N TYR A 503 -5.02 2.92 15.15
CA TYR A 503 -5.13 1.51 14.76
C TYR A 503 -3.93 0.72 15.24
N GLN A 504 -2.72 1.23 14.99
CA GLN A 504 -1.51 0.42 15.12
C GLN A 504 -1.37 -0.14 16.53
N PHE A 505 -1.73 0.65 17.54
CA PHE A 505 -1.61 0.16 18.92
C PHE A 505 -2.68 -0.88 19.22
N GLN A 506 -3.88 -0.71 18.66
CA GLN A 506 -4.92 -1.75 18.79
C GLN A 506 -4.39 -3.07 18.25
N PHE A 507 -3.85 -3.03 17.04
CA PHE A 507 -3.24 -4.20 16.43
C PHE A 507 -2.17 -4.80 17.33
N GLN A 508 -1.21 -3.97 17.75
CA GLN A 508 -0.10 -4.46 18.55
C GLN A 508 -0.59 -5.10 19.84
N GLU A 509 -1.55 -4.47 20.53
CA GLU A 509 -2.02 -5.04 21.78
C GLU A 509 -2.74 -6.37 21.54
N ALA A 510 -3.59 -6.45 20.52
CA ALA A 510 -4.23 -7.73 20.23
C ALA A 510 -3.19 -8.81 19.97
N LEU A 511 -2.24 -8.53 19.07
CA LEU A 511 -1.26 -9.55 18.68
C LEU A 511 -0.37 -9.94 19.86
N CYS A 512 0.06 -8.96 20.66
CA CYS A 512 0.86 -9.25 21.84
C CYS A 512 0.08 -10.12 22.82
N GLN A 513 -1.18 -9.74 23.09
CA GLN A 513 -2.06 -10.55 23.90
C GLN A 513 -2.18 -11.96 23.38
N ILE A 514 -1.99 -12.16 22.07
CA ILE A 514 -1.94 -13.52 21.52
C ILE A 514 -0.64 -14.20 21.92
N ALA A 515 0.49 -13.51 21.76
CA ALA A 515 1.79 -14.08 22.08
C ALA A 515 1.93 -14.40 23.57
N LYS A 516 0.88 -14.12 24.35
CA LYS A 516 0.87 -14.33 25.79
C LYS A 516 1.94 -13.49 26.50
N HIS A 517 2.31 -12.37 25.90
CA HIS A 517 3.23 -11.44 26.54
C HIS A 517 2.60 -10.84 27.79
N GLU A 518 3.41 -10.66 28.84
CA GLU A 518 2.95 -10.09 30.09
C GLU A 518 3.85 -8.93 30.46
N GLY A 519 3.24 -7.80 30.80
CA GLY A 519 3.99 -6.62 31.15
C GLY A 519 3.64 -5.45 30.26
N PRO A 520 4.46 -4.40 30.31
CA PRO A 520 4.18 -3.19 29.53
C PRO A 520 4.08 -3.48 28.04
N LEU A 521 3.14 -2.79 27.39
CA LEU A 521 2.97 -2.97 25.95
C LEU A 521 4.11 -2.34 25.16
N HIS A 522 4.94 -1.49 25.78
CA HIS A 522 6.13 -0.98 25.12
C HIS A 522 7.26 -2.01 25.10
N LYS A 523 7.01 -3.22 25.63
CA LYS A 523 7.96 -4.34 25.65
C LYS A 523 7.26 -5.53 25.00
N CYS A 524 7.15 -5.51 23.68
CA CYS A 524 6.49 -6.62 23.02
C CYS A 524 7.17 -6.90 21.70
N ASP A 525 7.53 -8.17 21.49
CA ASP A 525 8.12 -8.66 20.25
C ASP A 525 7.36 -9.92 19.86
N ILE A 526 6.42 -9.79 18.92
CA ILE A 526 5.51 -10.87 18.54
C ILE A 526 6.28 -12.00 17.86
N SER A 527 7.59 -11.81 17.69
CA SER A 527 8.48 -12.82 17.14
C SER A 527 8.18 -14.19 17.74
N ASN A 528 8.02 -15.17 16.86
CA ASN A 528 7.82 -16.59 17.15
C ASN A 528 6.38 -16.91 17.50
N SER A 529 5.50 -15.92 17.59
CA SER A 529 4.09 -16.18 17.89
C SER A 529 3.39 -16.51 16.59
N SER A 530 3.35 -17.80 16.28
CA SER A 530 2.69 -18.26 15.06
C SER A 530 1.24 -17.81 15.03
N GLU A 531 0.57 -17.86 16.19
CA GLU A 531 -0.83 -17.45 16.27
C GLU A 531 -0.99 -15.97 15.95
N ALA A 532 -0.04 -15.14 16.39
CA ALA A 532 -0.10 -13.72 16.09
C ALA A 532 -0.04 -13.46 14.59
N GLY A 533 1.00 -13.98 13.94
CA GLY A 533 1.10 -13.86 12.49
C GLY A 533 -0.09 -14.47 11.76
N GLN A 534 -0.69 -15.51 12.34
CA GLN A 534 -1.88 -16.12 11.74
C GLN A 534 -3.05 -15.15 11.74
N LYS A 535 -3.34 -14.54 12.90
CA LYS A 535 -4.41 -13.54 12.94
C LYS A 535 -4.12 -12.40 11.98
N LEU A 536 -2.86 -11.93 11.97
CA LEU A 536 -2.47 -10.86 11.07
C LEU A 536 -2.76 -11.22 9.63
N LEU A 537 -2.38 -12.42 9.20
CA LEU A 537 -2.67 -12.88 7.84
C LEU A 537 -4.16 -12.98 7.59
N GLU A 538 -4.90 -13.61 8.52
CA GLU A 538 -6.35 -13.72 8.41
C GLU A 538 -7.00 -12.37 8.16
N MET A 539 -6.37 -11.29 8.57
CA MET A 539 -6.85 -9.97 8.13
C MET A 539 -6.22 -9.51 6.82
N LEU A 540 -4.88 -9.59 6.70
CA LEU A 540 -4.16 -9.01 5.58
C LEU A 540 -4.69 -9.54 4.25
N LYS A 541 -5.00 -10.84 4.19
CA LYS A 541 -5.50 -11.43 2.96
C LYS A 541 -6.85 -10.83 2.55
N LEU A 542 -7.66 -10.40 3.53
CA LEU A 542 -8.99 -9.87 3.21
C LEU A 542 -8.91 -8.67 2.27
N GLY A 543 -7.82 -7.91 2.34
CA GLY A 543 -7.73 -6.70 1.56
C GLY A 543 -8.86 -5.75 1.92
N LYS A 544 -9.41 -5.08 0.91
CA LYS A 544 -10.63 -4.31 1.09
C LYS A 544 -11.86 -5.07 0.62
N SER A 545 -11.74 -6.38 0.38
CA SER A 545 -12.91 -7.19 0.02
C SER A 545 -13.99 -7.11 1.09
N LYS A 546 -13.60 -7.31 2.35
CA LYS A 546 -14.51 -7.27 3.47
C LYS A 546 -14.46 -5.90 4.13
N PRO A 547 -15.50 -5.50 4.86
CA PRO A 547 -15.49 -4.18 5.48
C PRO A 547 -14.30 -4.00 6.40
N TRP A 548 -13.78 -2.77 6.46
CA TRP A 548 -12.66 -2.51 7.35
C TRP A 548 -13.00 -2.85 8.79
N THR A 549 -14.27 -2.64 9.17
CA THR A 549 -14.77 -3.11 10.45
C THR A 549 -14.54 -4.60 10.63
N TYR A 550 -14.78 -5.39 9.58
CA TYR A 550 -14.58 -6.85 9.67
C TYR A 550 -13.12 -7.19 9.90
N ALA A 551 -12.22 -6.55 9.15
CA ALA A 551 -10.79 -6.76 9.35
C ALA A 551 -10.39 -6.46 10.79
N LEU A 552 -10.83 -5.32 11.31
CA LEU A 552 -10.57 -4.96 12.69
C LEU A 552 -11.06 -6.04 13.65
N GLU A 553 -12.31 -6.46 13.51
CA GLU A 553 -12.86 -7.51 14.38
C GLU A 553 -12.01 -8.78 14.31
N ILE A 554 -11.66 -9.21 13.10
CA ILE A 554 -10.84 -10.40 12.95
C ILE A 554 -9.50 -10.25 13.67
N VAL A 555 -8.98 -9.03 13.75
CA VAL A 555 -7.72 -8.83 14.48
C VAL A 555 -7.97 -8.46 15.93
N VAL A 556 -8.35 -7.21 16.17
CA VAL A 556 -8.35 -6.71 17.55
C VAL A 556 -9.50 -7.29 18.35
N GLY A 557 -10.65 -7.50 17.72
CA GLY A 557 -11.85 -7.90 18.40
C GLY A 557 -12.90 -6.79 18.59
N ALA A 558 -12.88 -5.76 17.75
CA ALA A 558 -13.85 -4.68 17.82
C ALA A 558 -14.12 -4.17 16.41
N LYS A 559 -15.24 -3.45 16.26
CA LYS A 559 -15.68 -2.97 14.96
C LYS A 559 -15.40 -1.49 14.77
N ASN A 560 -14.65 -0.86 15.66
CA ASN A 560 -14.48 0.59 15.58
C ASN A 560 -13.29 0.97 16.46
N MET A 561 -12.75 2.18 16.20
CA MET A 561 -11.52 2.60 16.85
C MET A 561 -11.66 2.60 18.37
N ASP A 562 -10.54 2.35 19.05
CA ASP A 562 -10.50 2.40 20.50
C ASP A 562 -9.13 2.88 20.92
N VAL A 563 -9.09 3.94 21.74
CA VAL A 563 -7.82 4.52 22.14
C VAL A 563 -7.20 3.83 23.35
N ARG A 564 -7.95 2.98 24.04
CA ARG A 564 -7.41 2.27 25.20
C ARG A 564 -6.06 1.62 24.91
N PRO A 565 -5.81 1.00 23.75
CA PRO A 565 -4.46 0.48 23.49
C PRO A 565 -3.38 1.55 23.50
N LEU A 566 -3.60 2.67 22.80
CA LEU A 566 -2.64 3.77 22.81
C LEU A 566 -2.31 4.20 24.23
N LEU A 567 -3.33 4.45 25.05
CA LEU A 567 -3.12 4.87 26.43
C LEU A 567 -2.33 3.82 27.20
N ASN A 568 -2.70 2.54 27.06
CA ASN A 568 -1.98 1.46 27.74
C ASN A 568 -0.51 1.46 27.34
N TYR A 569 -0.22 1.75 26.06
CA TYR A 569 1.16 1.80 25.60
C TYR A 569 1.94 2.91 26.30
N PHE A 570 1.32 4.09 26.45
CA PHE A 570 1.97 5.25 27.04
C PHE A 570 1.65 5.47 28.50
N GLU A 571 0.73 4.69 29.09
CA GLU A 571 0.36 4.86 30.51
C GLU A 571 1.54 5.09 31.45
N PRO A 572 2.67 4.36 31.38
CA PRO A 572 3.82 4.72 32.22
C PRO A 572 4.22 6.17 32.11
N LEU A 573 4.41 6.64 30.87
CA LEU A 573 4.73 8.04 30.64
C LEU A 573 3.66 8.95 31.19
N PHE A 574 2.39 8.57 31.05
CA PHE A 574 1.29 9.37 31.59
C PHE A 574 1.45 9.60 33.08
N THR A 575 1.71 8.53 33.84
CA THR A 575 1.84 8.66 35.28
C THR A 575 3.05 9.51 35.66
N TRP A 576 4.19 9.26 35.00
CA TRP A 576 5.39 10.04 35.30
C TRP A 576 5.16 11.52 35.01
N LEU A 577 4.46 11.82 33.91
CA LEU A 577 4.13 13.20 33.56
C LEU A 577 3.20 13.83 34.60
N LYS A 578 2.18 13.08 35.03
CA LYS A 578 1.28 13.58 36.06
C LYS A 578 2.05 14.00 37.30
N GLU A 579 2.93 13.13 37.79
CA GLU A 579 3.71 13.51 38.97
C GLU A 579 4.62 14.69 38.70
N GLN A 580 5.31 14.69 37.55
CA GLN A 580 6.19 15.79 37.20
C GLN A 580 5.44 17.09 36.97
N ASN A 581 4.11 17.04 36.86
CA ASN A 581 3.26 18.19 36.58
C ASN A 581 2.34 18.55 37.73
N ARG A 582 2.47 17.88 38.88
CA ARG A 582 1.60 18.17 40.02
C ARG A 582 1.73 19.63 40.44
N ASN A 583 2.95 20.06 40.75
CA ASN A 583 3.18 21.43 41.20
C ASN A 583 3.39 22.38 40.02
N SER A 584 2.46 22.35 39.06
CA SER A 584 2.49 23.21 37.89
C SER A 584 1.08 23.20 37.29
N PHE A 585 0.92 23.84 36.14
CA PHE A 585 -0.40 24.00 35.54
C PHE A 585 -0.56 23.05 34.37
N VAL A 586 -1.64 22.27 34.38
CA VAL A 586 -1.97 21.35 33.30
C VAL A 586 -3.18 21.94 32.58
N GLY A 587 -2.95 22.55 31.43
CA GLY A 587 -4.02 23.17 30.68
C GLY A 587 -3.48 24.36 29.92
N TRP A 588 -4.39 25.17 29.36
CA TRP A 588 -3.98 26.36 28.59
C TRP A 588 -5.13 27.37 28.49
N ASN A 589 -4.82 28.68 28.46
CA ASN A 589 -5.87 29.73 28.31
C ASN A 589 -6.32 29.83 26.85
N THR A 590 -7.63 29.74 26.59
CA THR A 590 -8.15 29.76 25.20
C THR A 590 -7.74 31.05 24.49
N ASP A 591 -8.21 32.20 24.99
CA ASP A 591 -7.83 33.50 24.39
C ASP A 591 -6.41 33.82 24.85
N TRP A 592 -5.98 33.25 25.97
CA TRP A 592 -4.61 33.45 26.51
C TRP A 592 -4.47 34.89 27.05
N THR B 1 11.12 -50.25 -35.61
CA THR B 1 10.92 -50.08 -34.18
C THR B 1 11.86 -49.02 -33.60
N ASN B 2 11.98 -47.89 -34.31
CA ASN B 2 12.79 -46.79 -33.82
C ASN B 2 12.05 -46.01 -32.72
N LEU B 3 12.82 -45.35 -31.86
CA LEU B 3 12.24 -44.64 -30.73
C LEU B 3 11.58 -43.34 -31.19
N CYS B 4 10.84 -42.71 -30.28
CA CYS B 4 10.17 -41.45 -30.56
C CYS B 4 11.05 -40.28 -30.15
N THR B 5 11.16 -39.29 -31.04
CA THR B 5 11.95 -38.09 -30.77
C THR B 5 11.05 -37.08 -30.06
N PHE B 6 10.87 -37.28 -28.75
CA PHE B 6 10.09 -36.32 -27.97
C PHE B 6 10.65 -34.91 -28.05
N GLY B 7 11.92 -34.76 -28.43
CA GLY B 7 12.52 -33.45 -28.62
C GLY B 7 11.82 -32.56 -29.62
N GLU B 8 11.08 -33.15 -30.57
CA GLU B 8 10.30 -32.34 -31.50
C GLU B 8 9.21 -31.56 -30.78
N VAL B 9 8.85 -31.98 -29.57
CA VAL B 9 7.86 -31.27 -28.77
C VAL B 9 8.56 -30.56 -27.61
N PHE B 10 9.08 -31.35 -26.66
CA PHE B 10 9.63 -30.77 -25.43
C PHE B 10 10.67 -29.69 -25.70
N ASN B 11 11.54 -29.92 -26.67
CA ASN B 11 12.57 -28.94 -27.04
C ASN B 11 12.12 -28.26 -28.33
N ALA B 12 11.29 -27.22 -28.18
CA ALA B 12 10.77 -26.47 -29.32
C ALA B 12 11.08 -25.00 -29.15
N THR B 13 11.28 -24.31 -30.29
CA THR B 13 11.69 -22.91 -30.25
C THR B 13 10.61 -22.03 -29.66
N THR B 14 9.40 -22.07 -30.22
CA THR B 14 8.27 -21.29 -29.74
C THR B 14 7.06 -22.18 -29.62
N PHE B 15 6.55 -22.32 -28.40
CA PHE B 15 5.35 -23.10 -28.17
C PHE B 15 4.13 -22.35 -28.71
N ALA B 16 2.96 -22.96 -28.52
CA ALA B 16 1.70 -22.39 -28.96
C ALA B 16 0.91 -21.89 -27.74
N SER B 17 0.10 -20.87 -27.97
CA SER B 17 -0.74 -20.33 -26.90
C SER B 17 -1.79 -21.37 -26.52
N VAL B 18 -2.47 -21.10 -25.40
CA VAL B 18 -3.34 -22.13 -24.85
C VAL B 18 -4.56 -22.32 -25.73
N TYR B 19 -5.10 -21.23 -26.29
CA TYR B 19 -6.20 -21.37 -27.22
C TYR B 19 -5.78 -22.11 -28.50
N ALA B 20 -4.50 -22.35 -28.70
CA ALA B 20 -3.97 -23.07 -29.85
C ALA B 20 -3.15 -24.27 -29.41
N TRP B 21 -3.69 -25.07 -28.48
CA TRP B 21 -2.96 -26.21 -27.95
C TRP B 21 -2.52 -27.14 -29.07
N ASN B 22 -1.22 -27.15 -29.36
CA ASN B 22 -0.73 -27.84 -30.54
C ASN B 22 -0.61 -29.32 -30.24
N ARG B 23 -1.30 -30.15 -31.01
CA ARG B 23 -1.34 -31.59 -30.81
C ARG B 23 -0.55 -32.30 -31.91
N LYS B 24 0.41 -33.13 -31.49
CA LYS B 24 1.18 -33.98 -32.39
C LYS B 24 0.93 -35.43 -32.01
N ARG B 25 0.62 -36.26 -33.00
CA ARG B 25 0.28 -37.66 -32.75
C ARG B 25 1.58 -38.45 -32.61
N ILE B 26 2.03 -38.58 -31.36
CA ILE B 26 3.11 -39.49 -31.04
C ILE B 26 2.58 -40.91 -31.22
N SER B 27 3.02 -41.55 -32.30
CA SER B 27 2.59 -42.89 -32.67
C SER B 27 3.51 -43.39 -33.77
N ASN B 28 3.38 -44.69 -34.07
CA ASN B 28 4.24 -45.39 -35.02
C ASN B 28 5.71 -45.27 -34.62
N CYS B 29 5.97 -45.38 -33.32
CA CYS B 29 7.32 -45.27 -32.76
C CYS B 29 7.31 -45.76 -31.32
N VAL B 30 8.31 -46.55 -30.97
CA VAL B 30 8.50 -46.97 -29.58
C VAL B 30 9.08 -45.81 -28.78
N ALA B 31 8.86 -45.82 -27.46
CA ALA B 31 9.28 -44.68 -26.65
C ALA B 31 9.42 -45.08 -25.19
N ASP B 32 10.56 -44.75 -24.60
CA ASP B 32 10.75 -44.94 -23.18
C ASP B 32 10.09 -43.78 -22.43
N TYR B 33 9.40 -44.08 -21.34
CA TYR B 33 8.64 -43.08 -20.59
C TYR B 33 9.38 -42.61 -19.33
N SER B 34 9.77 -43.54 -18.46
CA SER B 34 10.42 -43.16 -17.21
C SER B 34 11.71 -42.38 -17.46
N VAL B 35 12.28 -42.47 -18.66
CA VAL B 35 13.46 -41.67 -18.96
C VAL B 35 13.14 -40.20 -18.82
N LEU B 36 11.89 -39.82 -19.10
CA LEU B 36 11.48 -38.43 -18.91
C LEU B 36 11.38 -38.09 -17.43
N TYR B 37 10.87 -39.01 -16.62
CA TYR B 37 10.78 -38.78 -15.19
C TYR B 37 12.18 -38.65 -14.56
N ASN B 38 13.11 -39.51 -15.00
CA ASN B 38 14.48 -39.43 -14.51
C ASN B 38 15.16 -38.17 -15.04
N SER B 39 14.82 -37.75 -16.25
CA SER B 39 15.35 -36.52 -16.82
C SER B 39 15.07 -35.33 -15.92
N THR B 40 14.01 -35.44 -15.11
CA THR B 40 13.65 -34.42 -14.13
C THR B 40 13.59 -33.07 -14.81
N SER B 41 14.14 -32.04 -14.17
CA SER B 41 14.10 -30.67 -14.66
C SER B 41 12.69 -30.25 -15.04
N PHE B 42 11.69 -30.95 -14.48
CA PHE B 42 10.28 -30.72 -14.76
C PHE B 42 9.60 -30.33 -13.46
N SER B 43 9.08 -29.10 -13.41
CA SER B 43 8.43 -28.63 -12.19
C SER B 43 7.24 -29.51 -11.82
N THR B 44 6.44 -29.93 -12.79
CA THR B 44 5.26 -30.73 -12.53
C THR B 44 5.25 -31.94 -13.46
N PHE B 45 4.84 -33.10 -12.93
CA PHE B 45 4.85 -34.35 -13.70
C PHE B 45 3.89 -35.32 -13.01
N LYS B 46 2.60 -35.13 -13.25
CA LYS B 46 1.56 -35.97 -12.63
C LYS B 46 0.85 -36.75 -13.72
N CYS B 47 0.86 -38.07 -13.59
CA CYS B 47 0.20 -38.97 -14.53
C CYS B 47 -1.06 -39.55 -13.91
N TYR B 48 -2.16 -39.49 -14.66
CA TYR B 48 -3.46 -39.95 -14.20
C TYR B 48 -3.86 -41.18 -14.99
N GLY B 49 -4.39 -42.18 -14.29
CA GLY B 49 -4.75 -43.45 -14.89
C GLY B 49 -3.63 -44.45 -15.01
N VAL B 50 -2.40 -44.09 -14.66
CA VAL B 50 -1.25 -44.97 -14.79
C VAL B 50 -0.06 -44.28 -14.12
N SER B 51 0.88 -45.06 -13.66
CA SER B 51 2.14 -44.48 -13.22
C SER B 51 3.15 -44.48 -14.37
N PRO B 52 4.12 -43.56 -14.38
CA PRO B 52 5.16 -43.60 -15.42
C PRO B 52 5.84 -44.95 -15.54
N THR B 53 6.18 -45.57 -14.40
CA THR B 53 6.73 -46.91 -14.41
C THR B 53 5.66 -47.94 -14.81
N LYS B 54 4.40 -47.70 -14.40
CA LYS B 54 3.27 -48.57 -14.73
C LYS B 54 3.05 -48.60 -16.24
N LEU B 55 3.83 -47.79 -16.94
CA LEU B 55 3.75 -47.72 -18.39
C LEU B 55 5.11 -47.52 -19.04
N ASN B 56 6.21 -47.53 -18.27
CA ASN B 56 7.55 -47.20 -18.75
C ASN B 56 7.87 -47.83 -20.11
N ASP B 57 7.41 -49.06 -20.32
CA ASP B 57 7.50 -49.72 -21.62
C ASP B 57 6.16 -50.20 -22.14
N LEU B 58 5.07 -49.97 -21.42
CA LEU B 58 3.77 -50.48 -21.83
C LEU B 58 3.38 -49.95 -23.21
N CYS B 59 2.72 -50.80 -24.01
CA CYS B 59 2.36 -50.38 -25.40
C CYS B 59 1.01 -49.67 -25.39
N PHE B 60 0.77 -48.76 -26.34
CA PHE B 60 -0.50 -47.98 -26.28
C PHE B 60 -1.10 -47.72 -27.67
N THR B 61 -2.42 -47.60 -27.72
CA THR B 61 -3.13 -47.45 -29.02
C THR B 61 -2.64 -46.24 -29.82
N ASN B 62 -2.81 -45.03 -29.28
CA ASN B 62 -2.45 -43.80 -30.01
C ASN B 62 -2.07 -42.71 -29.02
N VAL B 63 -0.85 -42.19 -29.10
CA VAL B 63 -0.45 -41.23 -28.09
C VAL B 63 -0.55 -39.85 -28.70
N TYR B 64 -1.23 -38.93 -28.02
CA TYR B 64 -1.40 -37.56 -28.48
C TYR B 64 -0.64 -36.65 -27.53
N ALA B 65 0.12 -35.70 -28.08
CA ALA B 65 0.92 -34.79 -27.28
C ALA B 65 0.41 -33.37 -27.51
N ASP B 66 -0.16 -32.78 -26.47
CA ASP B 66 -0.68 -31.42 -26.51
C ASP B 66 0.33 -30.49 -25.86
N SER B 67 0.59 -29.35 -26.48
CA SER B 67 1.58 -28.40 -26.00
C SER B 67 1.00 -27.00 -25.93
N PHE B 68 1.25 -26.30 -24.82
CA PHE B 68 0.78 -24.93 -24.66
C PHE B 68 1.55 -24.24 -23.53
N VAL B 69 1.48 -22.91 -23.51
CA VAL B 69 2.19 -22.07 -22.53
C VAL B 69 1.16 -21.36 -21.66
N VAL B 70 1.35 -21.42 -20.35
CA VAL B 70 0.35 -20.89 -19.41
C VAL B 70 1.10 -20.32 -18.21
N ARG B 71 0.42 -19.45 -17.45
CA ARG B 71 0.95 -18.96 -16.19
C ARG B 71 1.12 -20.08 -15.18
N GLY B 72 2.03 -19.86 -14.22
CA GLY B 72 2.32 -20.88 -13.23
C GLY B 72 1.14 -21.17 -12.30
N ASP B 73 0.55 -20.10 -11.74
CA ASP B 73 -0.63 -20.26 -10.88
C ASP B 73 -1.79 -20.94 -11.59
N GLU B 74 -1.63 -21.18 -12.89
CA GLU B 74 -2.68 -21.84 -13.69
C GLU B 74 -2.21 -23.22 -14.12
N VAL B 75 -0.92 -23.52 -13.95
CA VAL B 75 -0.44 -24.90 -14.26
C VAL B 75 -1.29 -25.85 -13.45
N ARG B 76 -1.57 -25.48 -12.20
CA ARG B 76 -2.40 -26.33 -11.31
C ARG B 76 -3.77 -26.59 -11.95
N GLN B 77 -4.12 -25.86 -13.00
CA GLN B 77 -5.48 -25.97 -13.58
C GLN B 77 -5.53 -26.97 -14.73
N ILE B 78 -4.37 -27.45 -15.19
CA ILE B 78 -4.29 -28.44 -16.31
C ILE B 78 -4.34 -29.84 -15.71
N ALA B 79 -5.50 -30.23 -15.19
CA ALA B 79 -5.65 -31.56 -14.59
C ALA B 79 -7.14 -31.83 -14.38
N PRO B 80 -7.58 -33.09 -14.31
CA PRO B 80 -9.00 -33.40 -14.23
C PRO B 80 -9.72 -32.73 -13.05
N GLY B 81 -10.97 -32.32 -13.26
CA GLY B 81 -11.78 -31.77 -12.15
C GLY B 81 -11.67 -30.27 -11.98
N GLN B 82 -10.64 -29.64 -12.54
CA GLN B 82 -10.45 -28.22 -12.30
C GLN B 82 -11.55 -27.39 -12.98
N THR B 83 -11.79 -26.20 -12.42
CA THR B 83 -12.90 -25.35 -12.85
C THR B 83 -12.47 -23.93 -13.19
N GLY B 84 -11.18 -23.72 -13.46
CA GLY B 84 -10.68 -22.38 -13.70
C GLY B 84 -10.97 -21.87 -15.12
N ARG B 85 -10.47 -20.65 -15.40
CA ARG B 85 -10.67 -20.06 -16.72
C ARG B 85 -9.99 -20.86 -17.81
N ILE B 86 -8.70 -21.21 -17.61
CA ILE B 86 -7.98 -22.00 -18.60
C ILE B 86 -8.70 -23.33 -18.83
N ALA B 87 -9.21 -23.95 -17.76
CA ALA B 87 -9.88 -25.24 -17.89
C ALA B 87 -11.23 -25.10 -18.59
N ASP B 88 -12.00 -24.06 -18.25
CA ASP B 88 -13.34 -23.93 -18.82
C ASP B 88 -13.33 -23.40 -20.26
N TYR B 89 -12.50 -22.40 -20.56
CA TYR B 89 -12.54 -21.69 -21.83
C TYR B 89 -11.30 -21.88 -22.70
N ASN B 90 -10.31 -22.62 -22.24
CA ASN B 90 -9.08 -22.67 -23.04
C ASN B 90 -8.58 -24.09 -23.30
N TYR B 91 -8.59 -24.97 -22.29
CA TYR B 91 -8.21 -26.36 -22.47
C TYR B 91 -8.67 -27.18 -21.27
N LYS B 92 -9.43 -28.24 -21.53
CA LYS B 92 -10.05 -29.02 -20.45
C LYS B 92 -9.68 -30.48 -20.62
N LEU B 93 -9.00 -31.03 -19.61
CA LEU B 93 -8.73 -32.47 -19.55
C LEU B 93 -9.96 -33.20 -19.04
N PRO B 94 -10.30 -34.33 -19.63
CA PRO B 94 -11.51 -35.05 -19.20
C PRO B 94 -11.39 -35.49 -17.76
N ASP B 95 -12.54 -35.60 -17.10
CA ASP B 95 -12.56 -36.08 -15.72
C ASP B 95 -11.97 -37.47 -15.58
N ASP B 96 -11.90 -38.24 -16.67
CA ASP B 96 -11.33 -39.58 -16.69
C ASP B 96 -10.00 -39.62 -17.43
N PHE B 97 -9.27 -38.51 -17.43
CA PHE B 97 -8.03 -38.43 -18.19
C PHE B 97 -7.08 -39.56 -17.79
N THR B 98 -6.61 -40.29 -18.78
CA THR B 98 -5.66 -41.37 -18.59
C THR B 98 -4.38 -41.03 -19.36
N GLY B 99 -3.55 -40.19 -18.76
CA GLY B 99 -2.30 -39.78 -19.38
C GLY B 99 -1.37 -39.08 -18.41
N CYS B 100 -0.64 -38.07 -18.88
CA CYS B 100 0.37 -37.41 -18.07
C CYS B 100 0.32 -35.90 -18.31
N VAL B 101 0.79 -35.16 -17.31
CA VAL B 101 0.85 -33.71 -17.34
C VAL B 101 2.26 -33.30 -16.92
N ILE B 102 2.97 -32.59 -17.80
CA ILE B 102 4.35 -32.18 -17.59
C ILE B 102 4.44 -30.67 -17.72
N ALA B 103 5.26 -30.05 -16.87
CA ALA B 103 5.32 -28.60 -16.80
C ALA B 103 6.69 -28.14 -16.31
N TRP B 104 7.21 -27.08 -16.94
CA TRP B 104 8.51 -26.51 -16.58
C TRP B 104 8.53 -25.00 -16.83
N ASN B 105 9.26 -24.27 -15.98
CA ASN B 105 9.32 -22.82 -16.08
C ASN B 105 10.11 -22.39 -17.31
N SER B 106 9.57 -21.40 -18.03
CA SER B 106 10.18 -20.90 -19.27
C SER B 106 10.51 -19.41 -19.19
N ASN B 107 10.65 -18.85 -17.99
CA ASN B 107 10.97 -17.44 -17.87
C ASN B 107 12.27 -17.09 -18.58
N ASN B 108 13.12 -18.09 -18.73
CA ASN B 108 14.45 -17.88 -19.36
C ASN B 108 14.26 -17.59 -20.84
N LEU B 109 13.34 -18.26 -21.51
CA LEU B 109 13.26 -18.07 -22.97
C LEU B 109 11.81 -18.01 -23.45
N ASP B 110 10.88 -17.68 -22.56
CA ASP B 110 9.46 -17.48 -22.94
C ASP B 110 9.06 -16.12 -22.36
N SER B 111 10.06 -15.30 -22.05
CA SER B 111 9.82 -13.96 -21.48
C SER B 111 10.96 -13.04 -21.90
N LYS B 112 10.83 -11.73 -21.69
CA LYS B 112 11.83 -10.76 -22.10
C LYS B 112 11.46 -9.39 -21.56
N VAL B 113 12.47 -8.53 -21.45
CA VAL B 113 12.22 -7.13 -21.08
C VAL B 113 11.27 -6.50 -22.09
N GLY B 114 10.36 -5.67 -21.59
CA GLY B 114 9.26 -5.16 -22.40
C GLY B 114 8.11 -6.12 -22.46
N GLY B 115 8.39 -7.41 -22.53
CA GLY B 115 7.35 -8.43 -22.44
C GLY B 115 7.18 -9.22 -23.73
N ASN B 116 6.90 -10.51 -23.52
CA ASN B 116 6.53 -11.38 -24.67
C ASN B 116 5.00 -11.50 -24.60
N TYR B 117 4.29 -10.49 -25.09
CA TYR B 117 2.81 -10.49 -25.03
C TYR B 117 2.24 -11.37 -26.13
N ASN B 118 3.11 -12.06 -26.83
CA ASN B 118 2.65 -12.91 -27.97
C ASN B 118 1.69 -13.98 -27.46
N TYR B 119 2.05 -14.67 -26.39
CA TYR B 119 1.19 -15.75 -25.92
C TYR B 119 -0.16 -15.17 -25.52
N LEU B 120 -1.23 -15.92 -25.82
CA LEU B 120 -2.60 -15.41 -25.73
C LEU B 120 -3.48 -16.39 -24.96
N TYR B 121 -4.53 -15.86 -24.34
CA TYR B 121 -5.51 -16.67 -23.63
C TYR B 121 -6.91 -16.14 -23.89
N ARG B 122 -7.89 -17.03 -23.78
CA ARG B 122 -9.29 -16.68 -23.99
C ARG B 122 -9.92 -16.27 -22.66
N LEU B 123 -10.49 -15.07 -22.62
CA LEU B 123 -11.02 -14.55 -21.36
C LEU B 123 -12.49 -14.92 -21.18
N PHE B 124 -13.31 -14.74 -22.20
CA PHE B 124 -14.74 -14.99 -22.10
C PHE B 124 -15.18 -16.01 -23.14
N ARG B 125 -16.16 -16.83 -22.77
CA ARG B 125 -16.76 -17.79 -23.69
C ARG B 125 -18.16 -18.12 -23.16
N LYS B 126 -19.10 -18.28 -24.09
CA LYS B 126 -20.51 -18.48 -23.69
C LYS B 126 -20.68 -19.80 -22.95
N SER B 127 -19.99 -20.85 -23.38
CA SER B 127 -20.09 -22.15 -22.74
C SER B 127 -18.69 -22.73 -22.60
N ASN B 128 -18.50 -23.51 -21.55
CA ASN B 128 -17.20 -24.12 -21.28
C ASN B 128 -16.79 -25.07 -22.39
N LEU B 129 -15.49 -25.20 -22.58
CA LEU B 129 -14.97 -26.12 -23.58
C LEU B 129 -15.27 -27.56 -23.17
N LYS B 130 -15.52 -28.38 -24.16
CA LYS B 130 -15.69 -29.80 -23.90
C LYS B 130 -14.32 -30.47 -23.83
N PRO B 131 -14.21 -31.61 -23.12
CA PRO B 131 -12.93 -32.30 -23.02
C PRO B 131 -12.19 -32.40 -24.34
N PHE B 132 -11.01 -31.77 -24.41
CA PHE B 132 -10.16 -31.72 -25.59
C PHE B 132 -10.78 -30.89 -26.72
N GLU B 133 -11.61 -29.91 -26.37
CA GLU B 133 -12.12 -29.03 -27.41
C GLU B 133 -11.15 -27.89 -27.64
N ARG B 134 -11.28 -27.25 -28.81
CA ARG B 134 -10.45 -26.13 -29.18
C ARG B 134 -11.32 -25.07 -29.80
N ASP B 135 -11.01 -23.80 -29.54
CA ASP B 135 -11.78 -22.69 -30.08
C ASP B 135 -10.81 -21.56 -30.39
N ILE B 136 -10.65 -21.27 -31.68
CA ILE B 136 -9.74 -20.22 -32.14
C ILE B 136 -10.52 -19.03 -32.71
N SER B 137 -11.79 -18.87 -32.32
CA SER B 137 -12.61 -17.79 -32.85
C SER B 137 -12.14 -16.44 -32.34
N THR B 138 -12.15 -15.44 -33.22
CA THR B 138 -11.84 -14.06 -32.89
C THR B 138 -13.10 -13.20 -32.90
N GLU B 139 -14.21 -13.76 -32.42
CA GLU B 139 -15.51 -13.12 -32.49
C GLU B 139 -15.86 -12.49 -31.15
N ILE B 140 -16.38 -11.25 -31.21
CA ILE B 140 -16.72 -10.52 -30.00
C ILE B 140 -17.67 -11.34 -29.15
N TYR B 141 -17.50 -11.23 -27.82
CA TYR B 141 -18.36 -11.93 -26.88
C TYR B 141 -19.56 -11.05 -26.58
N GLN B 142 -20.71 -11.40 -27.16
CA GLN B 142 -21.96 -10.70 -26.90
C GLN B 142 -22.48 -11.14 -25.54
N ALA B 143 -22.34 -10.25 -24.55
CA ALA B 143 -22.74 -10.60 -23.19
C ALA B 143 -24.24 -10.41 -22.96
N GLY B 144 -24.87 -9.51 -23.70
CA GLY B 144 -26.26 -9.20 -23.48
C GLY B 144 -27.09 -9.08 -24.74
N SER B 145 -28.29 -8.51 -24.63
CA SER B 145 -29.20 -8.43 -25.78
C SER B 145 -28.60 -7.65 -26.93
N THR B 146 -27.90 -6.54 -26.63
CA THR B 146 -27.33 -5.69 -27.66
C THR B 146 -26.38 -6.50 -28.55
N PRO B 147 -26.58 -6.50 -29.87
CA PRO B 147 -25.62 -7.15 -30.76
C PRO B 147 -24.36 -6.31 -30.91
N CYS B 148 -23.22 -6.99 -30.92
CA CYS B 148 -21.94 -6.29 -30.95
C CYS B 148 -21.65 -5.66 -32.30
N ASN B 149 -22.26 -6.17 -33.37
CA ASN B 149 -21.98 -5.70 -34.72
C ASN B 149 -20.49 -5.81 -35.04
N GLY B 150 -19.86 -6.86 -34.52
CA GLY B 150 -18.45 -7.10 -34.80
C GLY B 150 -17.51 -6.03 -34.29
N VAL B 151 -17.93 -5.26 -33.28
CA VAL B 151 -17.08 -4.23 -32.68
C VAL B 151 -17.29 -4.24 -31.17
N GLU B 152 -16.23 -3.89 -30.45
CA GLU B 152 -16.28 -3.87 -28.99
C GLU B 152 -17.22 -2.79 -28.49
N GLY B 153 -17.69 -2.95 -27.26
CA GLY B 153 -18.58 -1.98 -26.67
C GLY B 153 -19.25 -2.51 -25.42
N PHE B 154 -20.31 -1.82 -24.99
CA PHE B 154 -21.07 -2.21 -23.82
C PHE B 154 -21.57 -3.64 -23.93
N ASN B 155 -21.22 -4.46 -22.94
CA ASN B 155 -21.59 -5.87 -22.89
C ASN B 155 -21.15 -6.60 -24.15
N CYS B 156 -20.08 -6.09 -24.79
CA CYS B 156 -19.54 -6.62 -26.05
C CYS B 156 -18.03 -6.50 -25.99
N TYR B 157 -17.40 -7.49 -25.36
CA TYR B 157 -15.96 -7.50 -25.14
C TYR B 157 -15.31 -8.53 -26.06
N PHE B 158 -14.06 -8.24 -26.44
CA PHE B 158 -13.30 -9.15 -27.28
C PHE B 158 -12.90 -10.38 -26.47
N PRO B 159 -12.92 -11.59 -27.09
CA PRO B 159 -12.72 -12.81 -26.30
C PRO B 159 -11.27 -13.11 -25.93
N LEU B 160 -10.34 -12.84 -26.83
CA LEU B 160 -8.93 -13.16 -26.60
C LEU B 160 -8.18 -11.95 -26.06
N GLN B 161 -7.28 -12.21 -25.12
CA GLN B 161 -6.49 -11.13 -24.52
C GLN B 161 -5.09 -11.67 -24.30
N SER B 162 -4.11 -10.76 -24.27
CA SER B 162 -2.72 -11.17 -24.32
C SER B 162 -2.16 -11.49 -22.94
N TYR B 163 -1.11 -12.34 -22.93
CA TYR B 163 -0.39 -12.69 -21.72
C TYR B 163 0.76 -11.72 -21.50
N GLY B 164 1.11 -11.49 -20.25
CA GLY B 164 2.24 -10.63 -19.96
C GLY B 164 3.36 -11.37 -19.27
N PHE B 165 4.48 -11.59 -19.96
CA PHE B 165 5.59 -12.40 -19.43
C PHE B 165 6.87 -11.58 -19.48
N HIS B 166 7.08 -10.75 -18.46
CA HIS B 166 8.37 -10.10 -18.27
C HIS B 166 9.28 -10.98 -17.42
N PRO B 167 10.60 -10.75 -17.47
CA PRO B 167 11.48 -11.54 -16.61
C PRO B 167 11.29 -11.23 -15.14
N THR B 168 10.93 -9.99 -14.80
CA THR B 168 10.79 -9.56 -13.42
C THR B 168 9.51 -10.05 -12.77
N ASN B 169 8.61 -10.69 -13.53
CA ASN B 169 7.37 -11.20 -12.99
C ASN B 169 7.63 -12.19 -11.86
N GLY B 170 6.62 -12.38 -11.01
CA GLY B 170 6.67 -13.48 -10.07
C GLY B 170 6.29 -14.79 -10.70
N VAL B 171 6.78 -15.88 -10.09
CA VAL B 171 6.56 -17.22 -10.61
C VAL B 171 5.11 -17.45 -11.03
N GLY B 172 4.17 -17.01 -10.19
CA GLY B 172 2.77 -17.18 -10.51
C GLY B 172 2.41 -16.59 -11.85
N TYR B 173 3.02 -15.45 -12.20
CA TYR B 173 2.80 -14.79 -13.47
C TYR B 173 3.98 -14.94 -14.42
N GLN B 174 4.78 -16.00 -14.24
CA GLN B 174 5.89 -16.32 -15.10
C GLN B 174 5.50 -17.41 -16.10
N PRO B 175 6.10 -17.40 -17.28
CA PRO B 175 5.70 -18.38 -18.32
C PRO B 175 6.09 -19.78 -17.90
N TYR B 176 5.15 -20.73 -18.08
CA TYR B 176 5.40 -22.13 -17.78
C TYR B 176 4.91 -22.91 -19.00
N ARG B 177 5.83 -23.63 -19.62
CA ARG B 177 5.52 -24.50 -20.75
C ARG B 177 5.00 -25.84 -20.25
N VAL B 178 3.93 -26.34 -20.90
CA VAL B 178 3.22 -27.52 -20.44
C VAL B 178 2.98 -28.44 -21.63
N VAL B 179 3.21 -29.74 -21.40
CA VAL B 179 2.96 -30.79 -22.37
C VAL B 179 2.12 -31.87 -21.70
N VAL B 180 1.00 -32.20 -22.32
CA VAL B 180 0.08 -33.22 -21.83
C VAL B 180 0.15 -34.41 -22.78
N LEU B 181 0.34 -35.60 -22.22
CA LEU B 181 0.47 -36.82 -23.00
C LEU B 181 -0.76 -37.70 -22.76
N SER B 182 -1.68 -37.68 -23.73
CA SER B 182 -2.95 -38.38 -23.62
C SER B 182 -2.90 -39.60 -24.54
N PHE B 183 -2.89 -40.79 -23.96
CA PHE B 183 -2.89 -42.03 -24.72
C PHE B 183 -4.22 -42.74 -24.54
N GLU B 184 -4.81 -43.19 -25.65
CA GLU B 184 -6.11 -43.86 -25.60
C GLU B 184 -5.90 -45.29 -25.11
N LEU B 185 -6.28 -45.55 -23.86
CA LEU B 185 -6.14 -46.87 -23.25
C LEU B 185 -7.39 -47.69 -23.57
N LEU B 186 -7.20 -48.76 -24.34
CA LEU B 186 -8.26 -49.73 -24.63
C LEU B 186 -7.73 -50.90 -25.45
N ASN B 187 -8.64 -51.80 -25.81
CA ASN B 187 -8.30 -52.93 -26.66
C ASN B 187 -8.18 -52.43 -28.10
N ALA B 188 -6.94 -52.24 -28.58
CA ALA B 188 -6.72 -51.54 -29.85
C ALA B 188 -5.27 -51.69 -30.34
N PRO B 189 -4.97 -51.40 -31.62
CA PRO B 189 -3.60 -51.57 -32.10
C PRO B 189 -2.67 -50.54 -31.46
N ALA B 190 -1.52 -51.01 -30.96
CA ALA B 190 -0.59 -50.21 -30.17
C ALA B 190 0.67 -49.92 -30.99
N THR B 191 0.75 -48.71 -31.54
CA THR B 191 1.92 -48.28 -32.30
C THR B 191 2.93 -47.49 -31.45
N VAL B 192 2.78 -47.51 -30.12
CA VAL B 192 3.70 -46.84 -29.20
C VAL B 192 3.99 -47.81 -28.07
N CYS B 193 5.24 -48.21 -27.92
CA CYS B 193 5.68 -49.06 -26.84
C CYS B 193 6.88 -48.41 -26.16
N GLY B 194 7.60 -49.18 -25.36
CA GLY B 194 8.78 -48.69 -24.69
C GLY B 194 9.94 -49.66 -24.75
#